data_6A6C
# 
_entry.id   6A6C 
# 
_audit_conform.dict_name       mmcif_pdbx.dic 
_audit_conform.dict_version    5.380 
_audit_conform.dict_location   http://mmcif.pdb.org/dictionaries/ascii/mmcif_pdbx.dic 
# 
loop_
_database_2.database_id 
_database_2.database_code 
_database_2.pdbx_database_accession 
_database_2.pdbx_DOI 
PDB   6A6C         pdb_00006a6c 10.2210/pdb6a6c/pdb 
WWPDB D_1300008225 ?            ?                   
# 
_pdbx_database_status.status_code                     REL 
_pdbx_database_status.status_code_sf                  REL 
_pdbx_database_status.status_code_mr                  ? 
_pdbx_database_status.entry_id                        6A6C 
_pdbx_database_status.recvd_initial_deposition_date   2018-06-27 
_pdbx_database_status.SG_entry                        N 
_pdbx_database_status.deposit_site                    PDBJ 
_pdbx_database_status.process_site                    PDBJ 
_pdbx_database_status.status_code_cs                  ? 
_pdbx_database_status.methods_development_category    ? 
_pdbx_database_status.pdb_format_compatible           Y 
_pdbx_database_status.status_code_nmr_data            ? 
# 
loop_
_audit_author.name 
_audit_author.pdbx_ordinal 
_audit_author.identifier_ORCID 
'Qin, Z.' 1 ? 
'Lin, S.' 2 ? 
# 
_citation.abstract                  ? 
_citation.abstract_id_CAS           ? 
_citation.book_id_ISBN              ? 
_citation.book_publisher            ? 
_citation.book_publisher_city       ? 
_citation.book_title                ? 
_citation.coordinate_linkage        ? 
_citation.country                   ? 
_citation.database_id_Medline       ? 
_citation.details                   ? 
_citation.id                        primary 
_citation.journal_abbrev            'To Be Published' 
_citation.journal_id_ASTM           ? 
_citation.journal_id_CSD            0353 
_citation.journal_id_ISSN           ? 
_citation.journal_full              ? 
_citation.journal_issue             ? 
_citation.journal_volume            ? 
_citation.language                  ? 
_citation.page_first                ? 
_citation.page_last                 ? 
_citation.title                     'Crystal structure of carbohydrate-binding module family 56 beta-1,3-glucan binding domain' 
_citation.year                      ? 
_citation.database_id_CSD           ? 
_citation.pdbx_database_id_DOI      ? 
_citation.pdbx_database_id_PubMed   ? 
_citation.unpublished_flag          ? 
# 
loop_
_citation_author.citation_id 
_citation_author.name 
_citation_author.ordinal 
_citation_author.identifier_ORCID 
primary 'Qin, Z.' 1 ? 
primary 'Lin, S.' 2 ? 
# 
_cell.angle_alpha                  90.00 
_cell.angle_alpha_esd              ? 
_cell.angle_beta                   90.00 
_cell.angle_beta_esd               ? 
_cell.angle_gamma                  90.00 
_cell.angle_gamma_esd              ? 
_cell.entry_id                     6A6C 
_cell.details                      ? 
_cell.formula_units_Z              ? 
_cell.length_a                     67.424 
_cell.length_a_esd                 ? 
_cell.length_b                     67.424 
_cell.length_b_esd                 ? 
_cell.length_c                     74.988 
_cell.length_c_esd                 ? 
_cell.volume                       ? 
_cell.volume_esd                   ? 
_cell.Z_PDB                        16 
_cell.reciprocal_angle_alpha       ? 
_cell.reciprocal_angle_beta        ? 
_cell.reciprocal_angle_gamma       ? 
_cell.reciprocal_angle_alpha_esd   ? 
_cell.reciprocal_angle_beta_esd    ? 
_cell.reciprocal_angle_gamma_esd   ? 
_cell.reciprocal_length_a          ? 
_cell.reciprocal_length_b          ? 
_cell.reciprocal_length_c          ? 
_cell.reciprocal_length_a_esd      ? 
_cell.reciprocal_length_b_esd      ? 
_cell.reciprocal_length_c_esd      ? 
_cell.pdbx_unique_axis             ? 
# 
_symmetry.entry_id                         6A6C 
_symmetry.cell_setting                     ? 
_symmetry.Int_Tables_number                97 
_symmetry.space_group_name_Hall            ? 
_symmetry.space_group_name_H-M             'I 4 2 2' 
_symmetry.pdbx_full_space_group_name_H-M   ? 
# 
loop_
_entity.id 
_entity.type 
_entity.src_method 
_entity.pdbx_description 
_entity.formula_weight 
_entity.pdbx_number_of_molecules 
_entity.pdbx_ec 
_entity.pdbx_mutation 
_entity.pdbx_fragment 
_entity.details 
1 polymer man Beta-1,3-glucanase 9561.397 1 3.2.1.39 ? ? 'SF file contains Friedel pairs.' 
2 water   nat water              18.015   2 ?        ? ? ?                                 
# 
_entity_poly.entity_id                      1 
_entity_poly.type                           'polypeptide(L)' 
_entity_poly.nstd_linkage                   no 
_entity_poly.nstd_monomer                   no 
_entity_poly.pdbx_seq_one_letter_code       
;ADFTQGADVSGNNVTLWFKSSVNTTWVDVHYKVNSGVQQNVRMSFNAGAARFEHTILTAAQAEIEYFFTYNNGVPAYDTT
TFTYR
;
_entity_poly.pdbx_seq_one_letter_code_can   
;ADFTQGADVSGNNVTLWFKSSVNTTWVDVHYKVNSGVQQNVRMSFNAGAARFEHTILTAAQAEIEYFFTYNNGVPAYDTT
TFTYR
;
_entity_poly.pdbx_strand_id                 A 
_entity_poly.pdbx_target_identifier         ? 
# 
loop_
_entity_poly_seq.entity_id 
_entity_poly_seq.num 
_entity_poly_seq.mon_id 
_entity_poly_seq.hetero 
1 1  ALA n 
1 2  ASP n 
1 3  PHE n 
1 4  THR n 
1 5  GLN n 
1 6  GLY n 
1 7  ALA n 
1 8  ASP n 
1 9  VAL n 
1 10 SER n 
1 11 GLY n 
1 12 ASN n 
1 13 ASN n 
1 14 VAL n 
1 15 THR n 
1 16 LEU n 
1 17 TRP n 
1 18 PHE n 
1 19 LYS n 
1 20 SER n 
1 21 SER n 
1 22 VAL n 
1 23 ASN n 
1 24 THR n 
1 25 THR n 
1 26 TRP n 
1 27 VAL n 
1 28 ASP n 
1 29 VAL n 
1 30 HIS n 
1 31 TYR n 
1 32 LYS n 
1 33 VAL n 
1 34 ASN n 
1 35 SER n 
1 36 GLY n 
1 37 VAL n 
1 38 GLN n 
1 39 GLN n 
1 40 ASN n 
1 41 VAL n 
1 42 ARG n 
1 43 MET n 
1 44 SER n 
1 45 PHE n 
1 46 ASN n 
1 47 ALA n 
1 48 GLY n 
1 49 ALA n 
1 50 ALA n 
1 51 ARG n 
1 52 PHE n 
1 53 GLU n 
1 54 HIS n 
1 55 THR n 
1 56 ILE n 
1 57 LEU n 
1 58 THR n 
1 59 ALA n 
1 60 ALA n 
1 61 GLN n 
1 62 ALA n 
1 63 GLU n 
1 64 ILE n 
1 65 GLU n 
1 66 TYR n 
1 67 PHE n 
1 68 PHE n 
1 69 THR n 
1 70 TYR n 
1 71 ASN n 
1 72 ASN n 
1 73 GLY n 
1 74 VAL n 
1 75 PRO n 
1 76 ALA n 
1 77 TYR n 
1 78 ASP n 
1 79 THR n 
1 80 THR n 
1 81 THR n 
1 82 PHE n 
1 83 THR n 
1 84 TYR n 
1 85 ARG n 
# 
_entity_src_gen.entity_id                          1 
_entity_src_gen.pdbx_src_id                        1 
_entity_src_gen.pdbx_alt_source_flag               sample 
_entity_src_gen.pdbx_seq_type                      'Biological sequence' 
_entity_src_gen.pdbx_beg_seq_num                   1 
_entity_src_gen.pdbx_end_seq_num                   85 
_entity_src_gen.gene_src_common_name               ? 
_entity_src_gen.gene_src_genus                     ? 
_entity_src_gen.pdbx_gene_src_gene                 ? 
_entity_src_gen.gene_src_species                   ? 
_entity_src_gen.gene_src_strain                    ? 
_entity_src_gen.gene_src_tissue                    ? 
_entity_src_gen.gene_src_tissue_fraction           ? 
_entity_src_gen.gene_src_details                   ? 
_entity_src_gen.pdbx_gene_src_fragment             ? 
_entity_src_gen.pdbx_gene_src_scientific_name      'Paenibacillus barengoltzii' 
_entity_src_gen.pdbx_gene_src_ncbi_taxonomy_id     343517 
_entity_src_gen.pdbx_gene_src_variant              ? 
_entity_src_gen.pdbx_gene_src_cell_line            ? 
_entity_src_gen.pdbx_gene_src_atcc                 ? 
_entity_src_gen.pdbx_gene_src_organ                ? 
_entity_src_gen.pdbx_gene_src_organelle            ? 
_entity_src_gen.pdbx_gene_src_cell                 ? 
_entity_src_gen.pdbx_gene_src_cellular_location    ? 
_entity_src_gen.host_org_common_name               ? 
_entity_src_gen.pdbx_host_org_scientific_name      
;Escherichia coli 'BL21-Gold(DE3)pLysS AG'
;
_entity_src_gen.pdbx_host_org_ncbi_taxonomy_id     866768 
_entity_src_gen.host_org_genus                     ? 
_entity_src_gen.pdbx_host_org_gene                 ? 
_entity_src_gen.pdbx_host_org_organ                ? 
_entity_src_gen.host_org_species                   ? 
_entity_src_gen.pdbx_host_org_tissue               ? 
_entity_src_gen.pdbx_host_org_tissue_fraction      ? 
_entity_src_gen.pdbx_host_org_strain               ? 
_entity_src_gen.pdbx_host_org_variant              ? 
_entity_src_gen.pdbx_host_org_cell_line            ? 
_entity_src_gen.pdbx_host_org_atcc                 ? 
_entity_src_gen.pdbx_host_org_culture_collection   ? 
_entity_src_gen.pdbx_host_org_cell                 ? 
_entity_src_gen.pdbx_host_org_organelle            ? 
_entity_src_gen.pdbx_host_org_cellular_location    ? 
_entity_src_gen.pdbx_host_org_vector_type          ? 
_entity_src_gen.pdbx_host_org_vector               ? 
_entity_src_gen.host_org_details                   ? 
_entity_src_gen.expression_system_id               ? 
_entity_src_gen.plasmid_name                       ? 
_entity_src_gen.plasmid_details                    ? 
_entity_src_gen.pdbx_description                   ? 
# 
_struct_ref.id                         1 
_struct_ref.db_name                    UNP 
_struct_ref.db_code                    A0A1S4NYE1_9BACL 
_struct_ref.pdbx_db_accession          A0A1S4NYE1 
_struct_ref.pdbx_db_isoform            ? 
_struct_ref.entity_id                  1 
_struct_ref.pdbx_seq_one_letter_code   
;ADFTQGADVSGNNVTLWFKSSVNTTWVDVHYKVNSGVQQNVRMSFNAGAARFEHTILTAAQAEIEYFFTYNNGVPAYDTT
TFTYR
;
_struct_ref.pdbx_align_begin           4 
# 
_struct_ref_seq.align_id                      1 
_struct_ref_seq.ref_id                        1 
_struct_ref_seq.pdbx_PDB_id_code              6A6C 
_struct_ref_seq.pdbx_strand_id                A 
_struct_ref_seq.seq_align_beg                 1 
_struct_ref_seq.pdbx_seq_align_beg_ins_code   ? 
_struct_ref_seq.seq_align_end                 85 
_struct_ref_seq.pdbx_seq_align_end_ins_code   ? 
_struct_ref_seq.pdbx_db_accession             A0A1S4NYE1 
_struct_ref_seq.db_align_beg                  4 
_struct_ref_seq.pdbx_db_align_beg_ins_code    ? 
_struct_ref_seq.db_align_end                  88 
_struct_ref_seq.pdbx_db_align_end_ins_code    ? 
_struct_ref_seq.pdbx_auth_seq_align_beg       1 
_struct_ref_seq.pdbx_auth_seq_align_end       85 
# 
loop_
_chem_comp.id 
_chem_comp.type 
_chem_comp.mon_nstd_flag 
_chem_comp.name 
_chem_comp.pdbx_synonyms 
_chem_comp.formula 
_chem_comp.formula_weight 
ALA 'L-peptide linking' y ALANINE         ? 'C3 H7 N O2'     89.093  
ARG 'L-peptide linking' y ARGININE        ? 'C6 H15 N4 O2 1' 175.209 
ASN 'L-peptide linking' y ASPARAGINE      ? 'C4 H8 N2 O3'    132.118 
ASP 'L-peptide linking' y 'ASPARTIC ACID' ? 'C4 H7 N O4'     133.103 
GLN 'L-peptide linking' y GLUTAMINE       ? 'C5 H10 N2 O3'   146.144 
GLU 'L-peptide linking' y 'GLUTAMIC ACID' ? 'C5 H9 N O4'     147.129 
GLY 'peptide linking'   y GLYCINE         ? 'C2 H5 N O2'     75.067  
HIS 'L-peptide linking' y HISTIDINE       ? 'C6 H10 N3 O2 1' 156.162 
HOH non-polymer         . WATER           ? 'H2 O'           18.015  
ILE 'L-peptide linking' y ISOLEUCINE      ? 'C6 H13 N O2'    131.173 
LEU 'L-peptide linking' y LEUCINE         ? 'C6 H13 N O2'    131.173 
LYS 'L-peptide linking' y LYSINE          ? 'C6 H15 N2 O2 1' 147.195 
MET 'L-peptide linking' y METHIONINE      ? 'C5 H11 N O2 S'  149.211 
PHE 'L-peptide linking' y PHENYLALANINE   ? 'C9 H11 N O2'    165.189 
PRO 'L-peptide linking' y PROLINE         ? 'C5 H9 N O2'     115.130 
SER 'L-peptide linking' y SERINE          ? 'C3 H7 N O3'     105.093 
THR 'L-peptide linking' y THREONINE       ? 'C4 H9 N O3'     119.119 
TRP 'L-peptide linking' y TRYPTOPHAN      ? 'C11 H12 N2 O2'  204.225 
TYR 'L-peptide linking' y TYROSINE        ? 'C9 H11 N O3'    181.189 
VAL 'L-peptide linking' y VALINE          ? 'C5 H11 N O2'    117.146 
# 
_exptl.absorpt_coefficient_mu     ? 
_exptl.absorpt_correction_T_max   ? 
_exptl.absorpt_correction_T_min   ? 
_exptl.absorpt_correction_type    ? 
_exptl.absorpt_process_details    ? 
_exptl.entry_id                   6A6C 
_exptl.crystals_number            1 
_exptl.details                    ? 
_exptl.method                     'X-RAY DIFFRACTION' 
_exptl.method_details             ? 
# 
_exptl_crystal.colour                      ? 
_exptl_crystal.density_diffrn              ? 
_exptl_crystal.density_Matthews            2.23 
_exptl_crystal.density_method              ? 
_exptl_crystal.density_percent_sol         44.80 
_exptl_crystal.description                 ? 
_exptl_crystal.F_000                       ? 
_exptl_crystal.id                          1 
_exptl_crystal.preparation                 ? 
_exptl_crystal.size_max                    ? 
_exptl_crystal.size_mid                    ? 
_exptl_crystal.size_min                    ? 
_exptl_crystal.size_rad                    ? 
_exptl_crystal.colour_lustre               ? 
_exptl_crystal.colour_modifier             ? 
_exptl_crystal.colour_primary              ? 
_exptl_crystal.density_meas                ? 
_exptl_crystal.density_meas_esd            ? 
_exptl_crystal.density_meas_gt             ? 
_exptl_crystal.density_meas_lt             ? 
_exptl_crystal.density_meas_temp           ? 
_exptl_crystal.density_meas_temp_esd       ? 
_exptl_crystal.density_meas_temp_gt        ? 
_exptl_crystal.density_meas_temp_lt        ? 
_exptl_crystal.pdbx_crystal_image_url      ? 
_exptl_crystal.pdbx_crystal_image_format   ? 
_exptl_crystal.pdbx_mosaicity              ? 
_exptl_crystal.pdbx_mosaicity_esd          ? 
# 
_exptl_crystal_grow.apparatus       ? 
_exptl_crystal_grow.atmosphere      ? 
_exptl_crystal_grow.crystal_id      1 
_exptl_crystal_grow.details         ? 
_exptl_crystal_grow.method          'VAPOR DIFFUSION, SITTING DROP' 
_exptl_crystal_grow.method_ref      ? 
_exptl_crystal_grow.pH              7.0 
_exptl_crystal_grow.pressure        ? 
_exptl_crystal_grow.pressure_esd    ? 
_exptl_crystal_grow.seeding         ? 
_exptl_crystal_grow.seeding_ref     ? 
_exptl_crystal_grow.temp            293.15 
_exptl_crystal_grow.temp_details    ? 
_exptl_crystal_grow.temp_esd        ? 
_exptl_crystal_grow.time            ? 
_exptl_crystal_grow.pdbx_details    '14 mM sodium cholate,1.4 M di-ammonium tartrate, 20 days' 
_exptl_crystal_grow.pdbx_pH_range   ? 
# 
_diffrn.ambient_environment    ? 
_diffrn.ambient_temp           100 
_diffrn.ambient_temp_details   ? 
_diffrn.ambient_temp_esd       ? 
_diffrn.crystal_id             1 
_diffrn.crystal_support        ? 
_diffrn.crystal_treatment      ? 
_diffrn.details                ? 
_diffrn.id                     1 
_diffrn.ambient_pressure       ? 
_diffrn.ambient_pressure_esd   ? 
_diffrn.ambient_pressure_gt    ? 
_diffrn.ambient_pressure_lt    ? 
_diffrn.ambient_temp_gt        ? 
_diffrn.ambient_temp_lt        ? 
# 
_diffrn_detector.details                      ? 
_diffrn_detector.detector                     CCD 
_diffrn_detector.diffrn_id                    1 
_diffrn_detector.type                         'MARMOSAIC 225 mm CCD' 
_diffrn_detector.area_resol_mean              ? 
_diffrn_detector.dtime                        ? 
_diffrn_detector.pdbx_frames_total            ? 
_diffrn_detector.pdbx_collection_time_total   ? 
_diffrn_detector.pdbx_collection_date         2017-10-16 
# 
_diffrn_radiation.collimation                      ? 
_diffrn_radiation.diffrn_id                        1 
_diffrn_radiation.filter_edge                      ? 
_diffrn_radiation.inhomogeneity                    ? 
_diffrn_radiation.monochromator                    ? 
_diffrn_radiation.polarisn_norm                    ? 
_diffrn_radiation.polarisn_ratio                   ? 
_diffrn_radiation.probe                            ? 
_diffrn_radiation.type                             ? 
_diffrn_radiation.xray_symbol                      ? 
_diffrn_radiation.wavelength_id                    1 
_diffrn_radiation.pdbx_monochromatic_or_laue_m_l   M 
_diffrn_radiation.pdbx_wavelength_list             ? 
_diffrn_radiation.pdbx_wavelength                  ? 
_diffrn_radiation.pdbx_diffrn_protocol             'SINGLE WAVELENGTH' 
_diffrn_radiation.pdbx_analyzer                    ? 
_diffrn_radiation.pdbx_scattering_type             x-ray 
# 
_diffrn_radiation_wavelength.id           1 
_diffrn_radiation_wavelength.wavelength   1.0093 
_diffrn_radiation_wavelength.wt           1.0 
# 
_diffrn_source.current                     ? 
_diffrn_source.details                     ? 
_diffrn_source.diffrn_id                   1 
_diffrn_source.power                       ? 
_diffrn_source.size                        ? 
_diffrn_source.source                      SYNCHROTRON 
_diffrn_source.target                      ? 
_diffrn_source.type                        'SSRF BEAMLINE BL17U1' 
_diffrn_source.voltage                     ? 
_diffrn_source.take-off_angle              ? 
_diffrn_source.pdbx_wavelength_list        1.0093 
_diffrn_source.pdbx_wavelength             ? 
_diffrn_source.pdbx_synchrotron_beamline   BL17U1 
_diffrn_source.pdbx_synchrotron_site       SSRF 
# 
_reflns.B_iso_Wilson_estimate            ? 
_reflns.entry_id                         6A6C 
_reflns.data_reduction_details           ? 
_reflns.data_reduction_method            ? 
_reflns.d_resolution_high                2.05 
_reflns.d_resolution_low                 33.712 
_reflns.details                          ? 
_reflns.limit_h_max                      ? 
_reflns.limit_h_min                      ? 
_reflns.limit_k_max                      ? 
_reflns.limit_k_min                      ? 
_reflns.limit_l_max                      ? 
_reflns.limit_l_min                      ? 
_reflns.number_all                       ? 
_reflns.number_obs                       8208 
_reflns.observed_criterion               ? 
_reflns.observed_criterion_F_max         ? 
_reflns.observed_criterion_F_min         ? 
_reflns.observed_criterion_I_max         ? 
_reflns.observed_criterion_I_min         ? 
_reflns.observed_criterion_sigma_F       ? 
_reflns.observed_criterion_sigma_I       ? 
_reflns.percent_possible_obs             87.68 
_reflns.R_free_details                   ? 
_reflns.Rmerge_F_all                     ? 
_reflns.Rmerge_F_obs                     ? 
_reflns.Friedel_coverage                 ? 
_reflns.number_gt                        ? 
_reflns.threshold_expression             ? 
_reflns.pdbx_redundancy                  18.5 
_reflns.pdbx_Rmerge_I_obs                0.105 
_reflns.pdbx_Rmerge_I_all                ? 
_reflns.pdbx_Rsym_value                  ? 
_reflns.pdbx_netI_over_av_sigmaI         ? 
_reflns.pdbx_netI_over_sigmaI            25.86 
_reflns.pdbx_res_netI_over_av_sigmaI_2   ? 
_reflns.pdbx_res_netI_over_sigmaI_2      ? 
_reflns.pdbx_chi_squared                 ? 
_reflns.pdbx_scaling_rejects             ? 
_reflns.pdbx_d_res_high_opt              ? 
_reflns.pdbx_d_res_low_opt               ? 
_reflns.pdbx_d_res_opt_method            ? 
_reflns.phase_calculation_details        ? 
_reflns.pdbx_Rrim_I_all                  ? 
_reflns.pdbx_Rpim_I_all                  ? 
_reflns.pdbx_d_opt                       ? 
_reflns.pdbx_number_measured_all         ? 
_reflns.pdbx_diffrn_id                   1 
_reflns.pdbx_ordinal                     1 
_reflns.pdbx_CC_half                     ? 
_reflns.pdbx_R_split                     ? 
# 
_reflns_shell.d_res_high                  2.05 
_reflns_shell.d_res_low                   2.123 
_reflns_shell.meanI_over_sigI_all         ? 
_reflns_shell.meanI_over_sigI_obs         ? 
_reflns_shell.number_measured_all         ? 
_reflns_shell.number_measured_obs         ? 
_reflns_shell.number_possible             ? 
_reflns_shell.number_unique_all           ? 
_reflns_shell.number_unique_obs           537 
_reflns_shell.percent_possible_all        ? 
_reflns_shell.percent_possible_obs        ? 
_reflns_shell.Rmerge_F_all                ? 
_reflns_shell.Rmerge_F_obs                ? 
_reflns_shell.Rmerge_I_all                ? 
_reflns_shell.Rmerge_I_obs                0.412 
_reflns_shell.meanI_over_sigI_gt          ? 
_reflns_shell.meanI_over_uI_all           ? 
_reflns_shell.meanI_over_uI_gt            ? 
_reflns_shell.number_measured_gt          ? 
_reflns_shell.number_unique_gt            ? 
_reflns_shell.percent_possible_gt         ? 
_reflns_shell.Rmerge_F_gt                 ? 
_reflns_shell.Rmerge_I_gt                 ? 
_reflns_shell.pdbx_redundancy             ? 
_reflns_shell.pdbx_Rsym_value             ? 
_reflns_shell.pdbx_chi_squared            ? 
_reflns_shell.pdbx_netI_over_sigmaI_all   ? 
_reflns_shell.pdbx_netI_over_sigmaI_obs   ? 
_reflns_shell.pdbx_Rrim_I_all             ? 
_reflns_shell.pdbx_Rpim_I_all             ? 
_reflns_shell.pdbx_rejects                ? 
_reflns_shell.pdbx_ordinal                1 
_reflns_shell.pdbx_diffrn_id              1 
_reflns_shell.pdbx_CC_half                ? 
_reflns_shell.pdbx_R_split                ? 
# 
_refine.aniso_B[1][1]                            ? 
_refine.aniso_B[1][2]                            ? 
_refine.aniso_B[1][3]                            ? 
_refine.aniso_B[2][2]                            ? 
_refine.aniso_B[2][3]                            ? 
_refine.aniso_B[3][3]                            ? 
_refine.B_iso_max                                ? 
_refine.B_iso_mean                               ? 
_refine.B_iso_min                                ? 
_refine.correlation_coeff_Fo_to_Fc               ? 
_refine.correlation_coeff_Fo_to_Fc_free          ? 
_refine.details                                  ? 
_refine.diff_density_max                         ? 
_refine.diff_density_max_esd                     ? 
_refine.diff_density_min                         ? 
_refine.diff_density_min_esd                     ? 
_refine.diff_density_rms                         ? 
_refine.diff_density_rms_esd                     ? 
_refine.entry_id                                 6A6C 
_refine.pdbx_refine_id                           'X-RAY DIFFRACTION' 
_refine.ls_abs_structure_details                 ? 
_refine.ls_abs_structure_Flack                   ? 
_refine.ls_abs_structure_Flack_esd               ? 
_refine.ls_abs_structure_Rogers                  ? 
_refine.ls_abs_structure_Rogers_esd              ? 
_refine.ls_d_res_high                            2.05 
_refine.ls_d_res_low                             29.472 
_refine.ls_extinction_coef                       ? 
_refine.ls_extinction_coef_esd                   ? 
_refine.ls_extinction_expression                 ? 
_refine.ls_extinction_method                     ? 
_refine.ls_goodness_of_fit_all                   ? 
_refine.ls_goodness_of_fit_all_esd               ? 
_refine.ls_goodness_of_fit_obs                   ? 
_refine.ls_goodness_of_fit_obs_esd               ? 
_refine.ls_hydrogen_treatment                    ? 
_refine.ls_matrix_type                           ? 
_refine.ls_number_constraints                    ? 
_refine.ls_number_parameters                     ? 
_refine.ls_number_reflns_all                     ? 
_refine.ls_number_reflns_obs                     8208 
_refine.ls_number_reflns_R_free                  809 
_refine.ls_number_reflns_R_work                  ? 
_refine.ls_number_restraints                     ? 
_refine.ls_percent_reflns_obs                    87.68 
_refine.ls_percent_reflns_R_free                 10.01 
_refine.ls_R_factor_all                          ? 
_refine.ls_R_factor_obs                          0.2162 
_refine.ls_R_factor_R_free                       0.2731 
_refine.ls_R_factor_R_free_error                 ? 
_refine.ls_R_factor_R_free_error_details         ? 
_refine.ls_R_factor_R_work                       0.2100 
_refine.ls_R_Fsqd_factor_obs                     ? 
_refine.ls_R_I_factor_obs                        ? 
_refine.ls_redundancy_reflns_all                 ? 
_refine.ls_redundancy_reflns_obs                 ? 
_refine.ls_restrained_S_all                      ? 
_refine.ls_restrained_S_obs                      ? 
_refine.ls_shift_over_esd_max                    ? 
_refine.ls_shift_over_esd_mean                   ? 
_refine.ls_structure_factor_coef                 ? 
_refine.ls_weighting_details                     ? 
_refine.ls_weighting_scheme                      ? 
_refine.ls_wR_factor_all                         ? 
_refine.ls_wR_factor_obs                         ? 
_refine.ls_wR_factor_R_free                      ? 
_refine.ls_wR_factor_R_work                      ? 
_refine.occupancy_max                            ? 
_refine.occupancy_min                            ? 
_refine.solvent_model_details                    ? 
_refine.solvent_model_param_bsol                 ? 
_refine.solvent_model_param_ksol                 ? 
_refine.ls_R_factor_gt                           ? 
_refine.ls_goodness_of_fit_gt                    ? 
_refine.ls_goodness_of_fit_ref                   ? 
_refine.ls_shift_over_su_max                     ? 
_refine.ls_shift_over_su_max_lt                  ? 
_refine.ls_shift_over_su_mean                    ? 
_refine.ls_shift_over_su_mean_lt                 ? 
_refine.pdbx_ls_sigma_I                          ? 
_refine.pdbx_ls_sigma_F                          1.35 
_refine.pdbx_ls_sigma_Fsqd                       ? 
_refine.pdbx_data_cutoff_high_absF               ? 
_refine.pdbx_data_cutoff_high_rms_absF           ? 
_refine.pdbx_data_cutoff_low_absF                ? 
_refine.pdbx_isotropic_thermal_model             ? 
_refine.pdbx_ls_cross_valid_method               'FREE R-VALUE' 
_refine.pdbx_method_to_determine_struct          'MOLECULAR REPLACEMENT' 
_refine.pdbx_starting_model                      5H9X 
_refine.pdbx_stereochemistry_target_values       ? 
_refine.pdbx_R_Free_selection_details            ? 
_refine.pdbx_stereochem_target_val_spec_case     ? 
_refine.pdbx_overall_ESU_R                       ? 
_refine.pdbx_overall_ESU_R_Free                  ? 
_refine.pdbx_solvent_vdw_probe_radii             1.11 
_refine.pdbx_solvent_ion_probe_radii             ? 
_refine.pdbx_solvent_shrinkage_radii             0.90 
_refine.pdbx_real_space_R                        ? 
_refine.pdbx_density_correlation                 ? 
_refine.pdbx_pd_number_of_powder_patterns        ? 
_refine.pdbx_pd_number_of_points                 ? 
_refine.pdbx_pd_meas_number_of_points            ? 
_refine.pdbx_pd_proc_ls_prof_R_factor            ? 
_refine.pdbx_pd_proc_ls_prof_wR_factor           ? 
_refine.pdbx_pd_Marquardt_correlation_coeff      ? 
_refine.pdbx_pd_Fsqrd_R_factor                   ? 
_refine.pdbx_pd_ls_matrix_band_width             ? 
_refine.pdbx_overall_phase_error                 26.97 
_refine.pdbx_overall_SU_R_free_Cruickshank_DPI   ? 
_refine.pdbx_overall_SU_R_free_Blow_DPI          ? 
_refine.pdbx_overall_SU_R_Blow_DPI               ? 
_refine.pdbx_TLS_residual_ADP_flag               ? 
_refine.pdbx_diffrn_id                           1 
_refine.overall_SU_B                             ? 
_refine.overall_SU_ML                            0.37 
_refine.overall_SU_R_Cruickshank_DPI             ? 
_refine.overall_SU_R_free                        ? 
_refine.overall_FOM_free_R_set                   ? 
_refine.overall_FOM_work_R_set                   ? 
_refine.pdbx_average_fsc_overall                 ? 
_refine.pdbx_average_fsc_work                    ? 
_refine.pdbx_average_fsc_free                    ? 
# 
_refine_hist.pdbx_refine_id                   'X-RAY DIFFRACTION' 
_refine_hist.cycle_id                         LAST 
_refine_hist.pdbx_number_atoms_protein        670 
_refine_hist.pdbx_number_atoms_nucleic_acid   0 
_refine_hist.pdbx_number_atoms_ligand         0 
_refine_hist.number_atoms_solvent             4 
_refine_hist.number_atoms_total               674 
_refine_hist.d_res_high                       2.05 
_refine_hist.d_res_low                        29.472 
# 
loop_
_refine_ls_restr.pdbx_refine_id 
_refine_ls_restr.criterion 
_refine_ls_restr.dev_ideal 
_refine_ls_restr.dev_ideal_target 
_refine_ls_restr.number 
_refine_ls_restr.rejects 
_refine_ls_restr.type 
_refine_ls_restr.weight 
_refine_ls_restr.pdbx_restraint_function 
'X-RAY DIFFRACTION' ? 0.008 ? 687 ? f_bond_d           ? ? 
'X-RAY DIFFRACTION' ? 0.928 ? 935 ? f_angle_d          ? ? 
'X-RAY DIFFRACTION' ? 4.407 ? 383 ? f_dihedral_angle_d ? ? 
'X-RAY DIFFRACTION' ? 0.067 ? 102 ? f_chiral_restr     ? ? 
'X-RAY DIFFRACTION' ? 0.005 ? 120 ? f_plane_restr      ? ? 
# 
loop_
_refine_ls_shell.pdbx_refine_id 
_refine_ls_shell.d_res_high 
_refine_ls_shell.d_res_low 
_refine_ls_shell.number_reflns_all 
_refine_ls_shell.number_reflns_obs 
_refine_ls_shell.number_reflns_R_free 
_refine_ls_shell.number_reflns_R_work 
_refine_ls_shell.percent_reflns_obs 
_refine_ls_shell.percent_reflns_R_free 
_refine_ls_shell.R_factor_all 
_refine_ls_shell.R_factor_obs 
_refine_ls_shell.R_factor_R_free 
_refine_ls_shell.R_factor_R_free_error 
_refine_ls_shell.R_factor_R_work 
_refine_ls_shell.redundancy_reflns_all 
_refine_ls_shell.redundancy_reflns_obs 
_refine_ls_shell.wR_factor_all 
_refine_ls_shell.wR_factor_obs 
_refine_ls_shell.wR_factor_R_free 
_refine_ls_shell.wR_factor_R_work 
_refine_ls_shell.pdbx_total_number_of_bins_used 
_refine_ls_shell.pdbx_phase_error 
_refine_ls_shell.pdbx_fsc_work 
_refine_ls_shell.pdbx_fsc_free 
'X-RAY DIFFRACTION' 2.05   2.08   . . .   .    .     . . . .      . .      . . . . . . . . . . 
'X-RAY DIFFRACTION' 2.08   2.8397 . . 119 1081 92.00 . . . 0.3418 . 0.2514 . . . . . . . . . . 
'X-RAY DIFFRACTION' 2.8397 3.2502 . . 126 1153 98.00 . . . 0.3416 . 0.2365 . . . . . . . . . . 
'X-RAY DIFFRACTION' 3.2502 4.0931 . . 126 1150 98.00 . . . 0.2869 . 0.2057 . . . . . . . . . . 
'X-RAY DIFFRACTION' 4.0931 9.4738 . . 130 1121 95.00 . . . 0.2023 . 0.1801 . . . . . . . . . . 
# 
_struct.entry_id                     6A6C 
_struct.title                        'Crystal structure of carbohydrate-binding module family 56 beta-1,3-glucan binding domain' 
_struct.pdbx_model_details           ? 
_struct.pdbx_formula_weight          ? 
_struct.pdbx_formula_weight_method   ? 
_struct.pdbx_model_type_details      ? 
_struct.pdbx_CASP_flag               N 
# 
_struct_keywords.entry_id        6A6C 
_struct_keywords.text            'carbohydrate-binding module family 56, beta-1, 3-glucan, sugar binding, SUGAR BINDING PROTEIN' 
_struct_keywords.pdbx_keywords   'SUGAR BINDING PROTEIN' 
# 
loop_
_struct_asym.id 
_struct_asym.pdbx_blank_PDB_chainid_flag 
_struct_asym.pdbx_modified 
_struct_asym.entity_id 
_struct_asym.details 
A N N 1 ? 
B N N 2 ? 
# 
loop_
_struct_sheet.id 
_struct_sheet.type 
_struct_sheet.number_strands 
_struct_sheet.details 
AA1 ? 4 ? 
AA2 ? 4 ? 
AA3 ? 4 ? 
# 
loop_
_struct_sheet_order.sheet_id 
_struct_sheet_order.range_id_1 
_struct_sheet_order.range_id_2 
_struct_sheet_order.offset 
_struct_sheet_order.sense 
AA1 1 2 ? anti-parallel 
AA1 2 3 ? anti-parallel 
AA1 3 4 ? anti-parallel 
AA2 1 2 ? anti-parallel 
AA2 2 3 ? anti-parallel 
AA2 3 4 ? anti-parallel 
AA3 1 2 ? anti-parallel 
AA3 2 3 ? anti-parallel 
AA3 3 4 ? anti-parallel 
# 
loop_
_struct_sheet_range.sheet_id 
_struct_sheet_range.id 
_struct_sheet_range.beg_label_comp_id 
_struct_sheet_range.beg_label_asym_id 
_struct_sheet_range.beg_label_seq_id 
_struct_sheet_range.pdbx_beg_PDB_ins_code 
_struct_sheet_range.end_label_comp_id 
_struct_sheet_range.end_label_asym_id 
_struct_sheet_range.end_label_seq_id 
_struct_sheet_range.pdbx_end_PDB_ins_code 
_struct_sheet_range.beg_auth_comp_id 
_struct_sheet_range.beg_auth_asym_id 
_struct_sheet_range.beg_auth_seq_id 
_struct_sheet_range.end_auth_comp_id 
_struct_sheet_range.end_auth_asym_id 
_struct_sheet_range.end_auth_seq_id 
AA1 1 PHE A 3  ? SER A 10 ? PHE A 3  SER A 10 
AA1 2 ASN A 13 ? SER A 20 ? ASN A 13 SER A 20 
AA1 3 ARG A 51 ? ILE A 56 ? ARG A 51 ILE A 56 
AA1 4 SER A 44 ? ASN A 46 ? SER A 44 ASN A 46 
AA2 1 GLN A 39 ? ARG A 42 ? GLN A 39 ARG A 42 
AA2 2 VAL A 27 ? VAL A 33 ? VAL A 27 VAL A 33 
AA2 3 ILE A 64 ? ASN A 71 ? ILE A 64 ASN A 71 
AA2 4 ALA A 76 ? ASP A 78 ? ALA A 76 ASP A 78 
AA3 1 GLN A 39 ? ARG A 42 ? GLN A 39 ARG A 42 
AA3 2 VAL A 27 ? VAL A 33 ? VAL A 27 VAL A 33 
AA3 3 ILE A 64 ? ASN A 71 ? ILE A 64 ASN A 71 
AA3 4 PHE A 82 ? TYR A 84 ? PHE A 82 TYR A 84 
# 
loop_
_pdbx_struct_sheet_hbond.sheet_id 
_pdbx_struct_sheet_hbond.range_id_1 
_pdbx_struct_sheet_hbond.range_id_2 
_pdbx_struct_sheet_hbond.range_1_label_atom_id 
_pdbx_struct_sheet_hbond.range_1_label_comp_id 
_pdbx_struct_sheet_hbond.range_1_label_asym_id 
_pdbx_struct_sheet_hbond.range_1_label_seq_id 
_pdbx_struct_sheet_hbond.range_1_PDB_ins_code 
_pdbx_struct_sheet_hbond.range_1_auth_atom_id 
_pdbx_struct_sheet_hbond.range_1_auth_comp_id 
_pdbx_struct_sheet_hbond.range_1_auth_asym_id 
_pdbx_struct_sheet_hbond.range_1_auth_seq_id 
_pdbx_struct_sheet_hbond.range_2_label_atom_id 
_pdbx_struct_sheet_hbond.range_2_label_comp_id 
_pdbx_struct_sheet_hbond.range_2_label_asym_id 
_pdbx_struct_sheet_hbond.range_2_label_seq_id 
_pdbx_struct_sheet_hbond.range_2_PDB_ins_code 
_pdbx_struct_sheet_hbond.range_2_auth_atom_id 
_pdbx_struct_sheet_hbond.range_2_auth_comp_id 
_pdbx_struct_sheet_hbond.range_2_auth_asym_id 
_pdbx_struct_sheet_hbond.range_2_auth_seq_id 
AA1 1 2 N THR A 4  ? N THR A 4  O LYS A 19 ? O LYS A 19 
AA1 2 3 N VAL A 14 ? N VAL A 14 O ILE A 56 ? O ILE A 56 
AA1 3 4 O ARG A 51 ? O ARG A 51 N ASN A 46 ? N ASN A 46 
AA2 1 2 O GLN A 39 ? O GLN A 39 N TYR A 31 ? N TYR A 31 
AA2 2 3 N LYS A 32 ? N LYS A 32 O GLU A 65 ? O GLU A 65 
AA2 3 4 N TYR A 70 ? N TYR A 70 O TYR A 77 ? O TYR A 77 
AA3 1 2 O GLN A 39 ? O GLN A 39 N TYR A 31 ? N TYR A 31 
AA3 2 3 N LYS A 32 ? N LYS A 32 O GLU A 65 ? O GLU A 65 
AA3 3 4 N TYR A 66 ? N TYR A 66 O PHE A 82 ? O PHE A 82 
# 
_atom_sites.entry_id                    6A6C 
_atom_sites.fract_transf_matrix[1][1]   0.00527248 
_atom_sites.fract_transf_matrix[1][2]   0.00700575 
_atom_sites.fract_transf_matrix[1][3]   -0.01196280 
_atom_sites.fract_transf_matrix[2][1]   0.01064775 
_atom_sites.fract_transf_matrix[2][2]   0.00614966 
_atom_sites.fract_transf_matrix[2][3]   0.00829429 
_atom_sites.fract_transf_matrix[3][1]   0.00798172 
_atom_sites.fract_transf_matrix[3][2]   -0.01037206 
_atom_sites.fract_transf_matrix[3][3]   -0.00255630 
_atom_sites.fract_transf_vector[1]      1.016926 
_atom_sites.fract_transf_vector[2]      0.230793 
_atom_sites.fract_transf_vector[3]      0.280144 
# 
loop_
_atom_type.symbol 
C 
N 
O 
S 
# 
loop_
_atom_site.group_PDB 
_atom_site.id 
_atom_site.type_symbol 
_atom_site.label_atom_id 
_atom_site.label_alt_id 
_atom_site.label_comp_id 
_atom_site.label_asym_id 
_atom_site.label_entity_id 
_atom_site.label_seq_id 
_atom_site.pdbx_PDB_ins_code 
_atom_site.Cartn_x 
_atom_site.Cartn_y 
_atom_site.Cartn_z 
_atom_site.occupancy 
_atom_site.B_iso_or_equiv 
_atom_site.pdbx_formal_charge 
_atom_site.auth_seq_id 
_atom_site.auth_comp_id 
_atom_site.auth_asym_id 
_atom_site.auth_atom_id 
_atom_site.pdbx_PDB_model_num 
ATOM   1   N N   . ALA A 1 1  ? 8.186   -10.409 11.148  1.00 45.95 ? 1   ALA A N   1 
ATOM   2   C CA  . ALA A 1 1  ? 7.930   -10.205 9.725   1.00 45.66 ? 1   ALA A CA  1 
ATOM   3   C C   . ALA A 1 1  ? 8.059   -8.719  9.364   1.00 49.60 ? 1   ALA A C   1 
ATOM   4   O O   . ALA A 1 1  ? 7.068   -8.059  9.025   1.00 50.54 ? 1   ALA A O   1 
ATOM   5   C CB  . ALA A 1 1  ? 6.540   -10.745 9.352   1.00 46.39 ? 1   ALA A CB  1 
ATOM   6   N N   . ASP A 1 2  ? 9.285   -8.204  9.428   1.00 42.67 ? 2   ASP A N   1 
ATOM   7   C CA  . ASP A 1 2  ? 9.497   -6.771  9.286   1.00 35.03 ? 2   ASP A CA  1 
ATOM   8   C C   . ASP A 1 2  ? 9.274   -6.321  7.842   1.00 38.88 ? 2   ASP A C   1 
ATOM   9   O O   . ASP A 1 2  ? 9.484   -7.071  6.886   1.00 32.60 ? 2   ASP A O   1 
ATOM   10  C CB  . ASP A 1 2  ? 10.903  -6.394  9.756   1.00 34.67 ? 2   ASP A CB  1 
ATOM   11  C CG  . ASP A 1 2  ? 10.997  -4.948  10.225  1.00 49.72 ? 2   ASP A CG  1 
ATOM   12  O OD1 . ASP A 1 2  ? 11.723  -4.161  9.581   1.00 49.95 ? 2   ASP A OD1 1 
ATOM   13  O OD2 . ASP A 1 2  ? 10.340  -4.595  11.230  1.00 49.92 ? 2   ASP A OD2 1 
ATOM   14  N N   . PHE A 1 3  ? 8.826   -5.070  7.709   1.00 37.28 ? 3   PHE A N   1 
ATOM   15  C CA  . PHE A 1 3  ? 8.552   -4.412  6.440   1.00 26.40 ? 3   PHE A CA  1 
ATOM   16  C C   . PHE A 1 3  ? 8.732   -2.919  6.671   1.00 23.02 ? 3   PHE A C   1 
ATOM   17  O O   . PHE A 1 3  ? 8.737   -2.454  7.813   1.00 26.80 ? 3   PHE A O   1 
ATOM   18  C CB  . PHE A 1 3  ? 7.121   -4.678  5.951   1.00 18.52 ? 3   PHE A CB  1 
ATOM   19  C CG  . PHE A 1 3  ? 6.077   -4.075  6.853   1.00 26.61 ? 3   PHE A CG  1 
ATOM   20  C CD1 . PHE A 1 3  ? 5.546   -4.812  7.902   1.00 21.20 ? 3   PHE A CD1 1 
ATOM   21  C CD2 . PHE A 1 3  ? 5.671   -2.752  6.698   1.00 21.20 ? 3   PHE A CD2 1 
ATOM   22  C CE1 . PHE A 1 3  ? 4.622   -4.271  8.748   1.00 17.73 ? 3   PHE A CE1 1 
ATOM   23  C CE2 . PHE A 1 3  ? 4.750   -2.201  7.561   1.00 21.87 ? 3   PHE A CE2 1 
ATOM   24  C CZ  . PHE A 1 3  ? 4.219   -2.974  8.587   1.00 19.37 ? 3   PHE A CZ  1 
ATOM   25  N N   . THR A 1 4  ? 8.845   -2.161  5.582   1.00 20.29 ? 4   THR A N   1 
ATOM   26  C CA  . THR A 1 4  ? 8.614   -0.725  5.621   1.00 17.84 ? 4   THR A CA  1 
ATOM   27  C C   . THR A 1 4  ? 7.513   -0.374  4.619   1.00 17.22 ? 4   THR A C   1 
ATOM   28  O O   . THR A 1 4  ? 7.142   -1.181  3.760   1.00 11.80 ? 4   THR A O   1 
ATOM   29  C CB  . THR A 1 4  ? 9.895   0.062   5.338   1.00 11.74 ? 4   THR A CB  1 
ATOM   30  O OG1 . THR A 1 4  ? 10.454  -0.366  4.096   1.00 18.42 ? 4   THR A OG1 1 
ATOM   31  C CG2 . THR A 1 4  ? 10.894  -0.195  6.427   1.00 19.26 ? 4   THR A CG2 1 
ATOM   32  N N   . GLN A 1 5  ? 6.960   0.826   4.752   1.00 17.18 ? 5   GLN A N   1 
ATOM   33  C CA  . GLN A 1 5  ? 5.831   1.221   3.921   1.00 17.57 ? 5   GLN A CA  1 
ATOM   34  C C   . GLN A 1 5  ? 5.785   2.742   3.817   1.00 16.67 ? 5   GLN A C   1 
ATOM   35  O O   . GLN A 1 5  ? 6.490   3.460   4.522   1.00 16.47 ? 5   GLN A O   1 
ATOM   36  C CB  . GLN A 1 5  ? 4.521   0.656   4.480   1.00 12.18 ? 5   GLN A CB  1 
ATOM   37  C CG  . GLN A 1 5  ? 4.115   1.249   5.809   1.00 15.35 ? 5   GLN A CG  1 
ATOM   38  C CD  . GLN A 1 5  ? 3.359   2.563   5.659   1.00 20.70 ? 5   GLN A CD  1 
ATOM   39  O OE1 . GLN A 1 5  ? 2.569   2.754   4.713   1.00 13.74 ? 5   GLN A OE1 1 
ATOM   40  N NE2 . GLN A 1 5  ? 3.607   3.484   6.589   1.00 19.47 ? 5   GLN A NE2 1 
ATOM   41  N N   . GLY A 1 6  ? 4.926   3.234   2.938   1.00 14.04 ? 6   GLY A N   1 
ATOM   42  C CA  . GLY A 1 6  ? 4.861   4.668   2.760   1.00 15.09 ? 6   GLY A CA  1 
ATOM   43  C C   . GLY A 1 6  ? 3.883   5.035   1.669   1.00 16.16 ? 6   GLY A C   1 
ATOM   44  O O   . GLY A 1 6  ? 3.255   4.173   1.043   1.00 15.20 ? 6   GLY A O   1 
ATOM   45  N N   . ALA A 1 7  ? 3.753   6.343   1.471   1.00 14.80 ? 7   ALA A N   1 
ATOM   46  C CA  . ALA A 1 7  ? 2.959   6.917   0.393   1.00 15.53 ? 7   ALA A CA  1 
ATOM   47  C C   . ALA A 1 7  ? 3.829   7.940   -0.319  1.00 11.34 ? 7   ALA A C   1 
ATOM   48  O O   . ALA A 1 7  ? 4.234   8.933   0.281   1.00 13.98 ? 7   ALA A O   1 
ATOM   49  C CB  . ALA A 1 7  ? 1.681   7.568   0.930   1.00 10.89 ? 7   ALA A CB  1 
ATOM   50  N N   . ASP A 1 8  ? 4.153   7.682   -1.574  1.00 12.30 ? 8   ASP A N   1 
ATOM   51  C CA  . ASP A 1 8  ? 4.838   8.662   -2.401  1.00 14.15 ? 8   ASP A CA  1 
ATOM   52  C C   . ASP A 1 8  ? 3.828   9.436   -3.239  1.00 16.11 ? 8   ASP A C   1 
ATOM   53  O O   . ASP A 1 8  ? 2.726   8.951   -3.537  1.00 15.76 ? 8   ASP A O   1 
ATOM   54  C CB  . ASP A 1 8  ? 5.865   8.000   -3.321  1.00 13.02 ? 8   ASP A CB  1 
ATOM   55  C CG  . ASP A 1 8  ? 7.130   7.616   -2.605  1.00 14.34 ? 8   ASP A CG  1 
ATOM   56  O OD1 . ASP A 1 8  ? 7.165   7.700   -1.366  1.00 12.32 ? 8   ASP A OD1 1 
ATOM   57  O OD2 . ASP A 1 8  ? 8.109   7.251   -3.287  1.00 18.89 ? 8   ASP A OD2 1 
ATOM   58  N N   . VAL A 1 9  ? 4.219   10.650  -3.628  1.00 15.08 ? 9   VAL A N   1 
ATOM   59  C CA  . VAL A 1 9  ? 3.384   11.515  -4.448  1.00 15.04 ? 9   VAL A CA  1 
ATOM   60  C C   . VAL A 1 9  ? 4.190   11.927  -5.665  1.00 16.64 ? 9   VAL A C   1 
ATOM   61  O O   . VAL A 1 9  ? 5.344   12.344  -5.533  1.00 18.63 ? 9   VAL A O   1 
ATOM   62  C CB  . VAL A 1 9  ? 2.907   12.757  -3.663  1.00 16.98 ? 9   VAL A CB  1 
ATOM   63  C CG1 . VAL A 1 9  ? 2.197   13.724  -4.579  1.00 23.59 ? 9   VAL A CG1 1 
ATOM   64  C CG2 . VAL A 1 9  ? 1.981   12.361  -2.549  1.00 12.54 ? 9   VAL A CG2 1 
ATOM   65  N N   . SER A 1 10 ? 3.603   11.775  -6.853  1.00 16.40 ? 10  SER A N   1 
ATOM   66  C CA  . SER A 1 10 ? 4.046   12.530  -8.019  1.00 18.97 ? 10  SER A CA  1 
ATOM   67  C C   . SER A 1 10 ? 2.821   13.198  -8.621  1.00 14.59 ? 10  SER A C   1 
ATOM   68  O O   . SER A 1 10 ? 1.821   12.528  -8.891  1.00 13.75 ? 10  SER A O   1 
ATOM   69  C CB  . SER A 1 10 ? 4.732   11.651  -9.058  1.00 18.22 ? 10  SER A CB  1 
ATOM   70  O OG  . SER A 1 10 ? 4.007   10.465  -9.222  1.00 20.18 ? 10  SER A OG  1 
ATOM   71  N N   . GLY A 1 11 ? 2.893   14.506  -8.817  1.00 14.49 ? 11  GLY A N   1 
ATOM   72  C CA  . GLY A 1 11 ? 1.765   15.218  -9.375  1.00 17.35 ? 11  GLY A CA  1 
ATOM   73  C C   . GLY A 1 11 ? 0.645   15.278  -8.364  1.00 17.78 ? 11  GLY A C   1 
ATOM   74  O O   . GLY A 1 11 ? 0.847   15.794  -7.263  1.00 23.15 ? 11  GLY A O   1 
ATOM   75  N N   . ASN A 1 12 ? -0.526  14.749  -8.715  1.00 13.81 ? 12  ASN A N   1 
ATOM   76  C CA  . ASN A 1 12 ? -1.647  14.632  -7.798  1.00 17.69 ? 12  ASN A CA  1 
ATOM   77  C C   . ASN A 1 12 ? -1.896  13.203  -7.374  1.00 18.84 ? 12  ASN A C   1 
ATOM   78  O O   . ASN A 1 12 ? -2.863  12.942  -6.658  1.00 22.08 ? 12  ASN A O   1 
ATOM   79  C CB  . ASN A 1 12 ? -2.917  15.199  -8.435  1.00 18.97 ? 12  ASN A CB  1 
ATOM   80  C CG  . ASN A 1 12 ? -2.849  16.690  -8.579  1.00 41.53 ? 12  ASN A CG  1 
ATOM   81  O OD1 . ASN A 1 12 ? -2.731  17.409  -7.571  1.00 41.91 ? 12  ASN A OD1 1 
ATOM   82  N ND2 . ASN A 1 12 ? -2.878  17.180  -9.830  1.00 36.75 ? 12  ASN A ND2 1 
ATOM   83  N N   . ASN A 1 13 ? -1.062  12.275  -7.809  1.00 17.38 ? 13  ASN A N   1 
ATOM   84  C CA  . ASN A 1 13 ? -1.295  10.864  -7.586  1.00 16.43 ? 13  ASN A CA  1 
ATOM   85  C C   . ASN A 1 13 ? -0.540  10.407  -6.347  1.00 21.16 ? 13  ASN A C   1 
ATOM   86  O O   . ASN A 1 13 ? 0.553   10.903  -6.052  1.00 24.75 ? 13  ASN A O   1 
ATOM   87  C CB  . ASN A 1 13 ? -0.868  10.079  -8.820  1.00 16.72 ? 13  ASN A CB  1 
ATOM   88  C CG  . ASN A 1 13 ? -1.464  10.649  -10.099 1.00 16.31 ? 13  ASN A CG  1 
ATOM   89  O OD1 . ASN A 1 13 ? -2.583  11.179  -10.102 1.00 14.78 ? 13  ASN A OD1 1 
ATOM   90  N ND2 . ASN A 1 13 ? -0.727  10.533  -11.194 1.00 14.44 ? 13  ASN A ND2 1 
ATOM   91  N N   . VAL A 1 14 ? -1.137  9.479   -5.605  1.00 17.45 ? 14  VAL A N   1 
ATOM   92  C CA  . VAL A 1 14 ? -0.509  8.888   -4.432  1.00 16.12 ? 14  VAL A CA  1 
ATOM   93  C C   . VAL A 1 14 ? -0.193  7.431   -4.753  1.00 17.18 ? 14  VAL A C   1 
ATOM   94  O O   . VAL A 1 14 ? -1.054  6.686   -5.239  1.00 15.05 ? 14  VAL A O   1 
ATOM   95  C CB  . VAL A 1 14 ? -1.405  8.997   -3.190  1.00 17.18 ? 14  VAL A CB  1 
ATOM   96  C CG1 . VAL A 1 14 ? -0.748  8.309   -1.992  1.00 12.55 ? 14  VAL A CG1 1 
ATOM   97  C CG2 . VAL A 1 14 ? -1.704  10.435  -2.887  1.00 15.08 ? 14  VAL A CG2 1 
ATOM   98  N N   . THR A 1 15 ? 1.043   7.027   -4.492  1.00 14.06 ? 15  THR A N   1 
ATOM   99  C CA  . THR A 1 15 ? 1.449   5.637   -4.640  1.00 14.99 ? 15  THR A CA  1 
ATOM   100 C C   . THR A 1 15 ? 1.686   5.080   -3.246  1.00 15.63 ? 15  THR A C   1 
ATOM   101 O O   . THR A 1 15 ? 2.676   5.428   -2.589  1.00 9.18  ? 15  THR A O   1 
ATOM   102 C CB  . THR A 1 15 ? 2.697   5.498   -5.511  1.00 14.95 ? 15  THR A CB  1 
ATOM   103 O OG1 . THR A 1 15 ? 2.393   5.935   -6.840  1.00 17.88 ? 15  THR A OG1 1 
ATOM   104 C CG2 . THR A 1 15 ? 3.135   4.038   -5.580  1.00 14.23 ? 15  THR A CG2 1 
ATOM   105 N N   . LEU A 1 16 ? 0.751   4.254   -2.785  1.00 13.56 ? 16  LEU A N   1 
ATOM   106 C CA  . LEU A 1 16 ? 0.980   3.442   -1.604  1.00 11.51 ? 16  LEU A CA  1 
ATOM   107 C C   . LEU A 1 16 ? 2.001   2.365   -1.945  1.00 12.80 ? 16  LEU A C   1 
ATOM   108 O O   . LEU A 1 16 ? 1.910   1.711   -2.990  1.00 14.75 ? 16  LEU A O   1 
ATOM   109 C CB  . LEU A 1 16 ? -0.327  2.823   -1.125  1.00 9.00  ? 16  LEU A CB  1 
ATOM   110 C CG  . LEU A 1 16 ? -1.449  3.845   -0.934  1.00 11.28 ? 16  LEU A CG  1 
ATOM   111 C CD1 . LEU A 1 16 ? -2.758  3.157   -0.530  1.00 8.69  ? 16  LEU A CD1 1 
ATOM   112 C CD2 . LEU A 1 16 ? -1.051  4.899   0.085   1.00 7.33  ? 16  LEU A CD2 1 
ATOM   113 N N   . TRP A 1 17 ? 3.003   2.207   -1.085  1.00 10.41 ? 17  TRP A N   1 
ATOM   114 C CA  . TRP A 1 17 ? 4.032   1.222   -1.350  1.00 12.52 ? 17  TRP A CA  1 
ATOM   115 C C   . TRP A 1 17 ? 4.335   0.441   -0.081  1.00 14.58 ? 17  TRP A C   1 
ATOM   116 O O   . TRP A 1 17 ? 4.040   0.877   1.033   1.00 12.70 ? 17  TRP A O   1 
ATOM   117 C CB  . TRP A 1 17 ? 5.295   1.870   -1.936  1.00 16.33 ? 17  TRP A CB  1 
ATOM   118 C CG  . TRP A 1 17 ? 5.981   2.941   -1.101  1.00 16.91 ? 17  TRP A CG  1 
ATOM   119 C CD1 . TRP A 1 17 ? 5.841   4.306   -1.210  1.00 13.28 ? 17  TRP A CD1 1 
ATOM   120 C CD2 . TRP A 1 17 ? 6.946   2.718   -0.064  1.00 19.73 ? 17  TRP A CD2 1 
ATOM   121 N NE1 . TRP A 1 17 ? 6.645   4.940   -0.286  1.00 10.32 ? 17  TRP A NE1 1 
ATOM   122 C CE2 . TRP A 1 17 ? 7.337   3.992   0.425   1.00 15.95 ? 17  TRP A CE2 1 
ATOM   123 C CE3 . TRP A 1 17 ? 7.507   1.562   0.513   1.00 16.43 ? 17  TRP A CE3 1 
ATOM   124 C CZ2 . TRP A 1 17 ? 8.265   4.141   1.451   1.00 15.19 ? 17  TRP A CZ2 1 
ATOM   125 C CZ3 . TRP A 1 17 ? 8.425   1.709   1.539   1.00 17.48 ? 17  TRP A CZ3 1 
ATOM   126 C CH2 . TRP A 1 17 ? 8.793   2.993   2.003   1.00 18.00 ? 17  TRP A CH2 1 
ATOM   127 N N   . PHE A 1 18 ? 4.905   -0.746  -0.270  1.00 13.42 ? 18  PHE A N   1 
ATOM   128 C CA  . PHE A 1 18 ? 5.170   -1.673  0.830   1.00 15.43 ? 18  PHE A CA  1 
ATOM   129 C C   . PHE A 1 18 ? 6.438   -2.428  0.466   1.00 16.35 ? 18  PHE A C   1 
ATOM   130 O O   . PHE A 1 18 ? 6.517   -3.023  -0.618  1.00 15.29 ? 18  PHE A O   1 
ATOM   131 C CB  . PHE A 1 18 ? 3.978   -2.624  1.034   1.00 10.94 ? 18  PHE A CB  1 
ATOM   132 C CG  . PHE A 1 18 ? 4.210   -3.748  2.030   1.00 12.83 ? 18  PHE A CG  1 
ATOM   133 C CD1 . PHE A 1 18 ? 4.952   -4.876  1.682   1.00 10.56 ? 18  PHE A CD1 1 
ATOM   134 C CD2 . PHE A 1 18 ? 3.604   -3.720  3.280   1.00 12.60 ? 18  PHE A CD2 1 
ATOM   135 C CE1 . PHE A 1 18 ? 5.123   -5.916  2.567   1.00 9.23  ? 18  PHE A CE1 1 
ATOM   136 C CE2 . PHE A 1 18 ? 3.784   -4.770  4.177   1.00 14.30 ? 18  PHE A CE2 1 
ATOM   137 C CZ  . PHE A 1 18 ? 4.539   -5.867  3.809   1.00 11.98 ? 18  PHE A CZ  1 
ATOM   138 N N   . LYS A 1 19 ? 7.436   -2.384  1.347   1.00 17.20 ? 19  LYS A N   1 
ATOM   139 C CA  . LYS A 1 19 ? 8.736   -2.989  1.080   1.00 17.96 ? 19  LYS A CA  1 
ATOM   140 C C   . LYS A 1 19 ? 8.990   -4.054  2.132   1.00 18.60 ? 19  LYS A C   1 
ATOM   141 O O   . LYS A 1 19 ? 8.977   -3.763  3.331   1.00 24.40 ? 19  LYS A O   1 
ATOM   142 C CB  . LYS A 1 19 ? 9.851   -1.936  1.075   1.00 17.22 ? 19  LYS A CB  1 
ATOM   143 C CG  . LYS A 1 19 ? 11.136  -2.432  0.472   1.00 17.20 ? 19  LYS A CG  1 
ATOM   144 C CD  . LYS A 1 19 ? 11.929  -1.331  -0.215  1.00 20.21 ? 19  LYS A CD  1 
ATOM   145 C CE  . LYS A 1 19 ? 12.503  -0.368  0.786   1.00 27.26 ? 19  LYS A CE  1 
ATOM   146 N NZ  . LYS A 1 19 ? 13.596  0.445   0.182   1.00 34.47 ? 19  LYS A NZ  1 
ATOM   147 N N   . SER A 1 20 ? 9.204   -5.284  1.688   1.00 25.24 ? 20  SER A N   1 
ATOM   148 C CA  . SER A 1 20 ? 9.360   -6.425  2.576   1.00 29.15 ? 20  SER A CA  1 
ATOM   149 C C   . SER A 1 20 ? 10.827  -6.792  2.740   1.00 32.88 ? 20  SER A C   1 
ATOM   150 O O   . SER A 1 20 ? 11.597  -6.769  1.776   1.00 38.45 ? 20  SER A O   1 
ATOM   151 C CB  . SER A 1 20 ? 8.596   -7.630  2.042   1.00 26.22 ? 20  SER A CB  1 
ATOM   152 O OG  . SER A 1 20 ? 9.013   -8.801  2.704   1.00 36.59 ? 20  SER A OG  1 
ATOM   153 N N   . SER A 1 21 ? 11.201  -7.130  3.978   1.00 40.51 ? 21  SER A N   1 
ATOM   154 C CA  . SER A 1 21 ? 12.514  -7.695  4.287   1.00 42.80 ? 21  SER A CA  1 
ATOM   155 C C   . SER A 1 21 ? 12.431  -9.169  4.668   1.00 45.70 ? 21  SER A C   1 
ATOM   156 O O   . SER A 1 21 ? 13.417  -9.728  5.164   1.00 50.82 ? 21  SER A O   1 
ATOM   157 C CB  . SER A 1 21 ? 13.197  -6.906  5.407   1.00 32.99 ? 21  SER A CB  1 
ATOM   158 O OG  . SER A 1 21 ? 12.320  -6.728  6.506   1.00 43.89 ? 21  SER A OG  1 
ATOM   159 N N   . VAL A 1 22 ? 11.277  -9.805  4.462   1.00 46.31 ? 22  VAL A N   1 
ATOM   160 C CA  . VAL A 1 22 ? 11.091  -11.237 4.661   1.00 43.29 ? 22  VAL A CA  1 
ATOM   161 C C   . VAL A 1 22 ? 10.756  -11.846 3.302   1.00 48.13 ? 22  VAL A C   1 
ATOM   162 O O   . VAL A 1 22 ? 10.908  -11.188 2.263   1.00 43.54 ? 22  VAL A O   1 
ATOM   163 C CB  . VAL A 1 22 ? 9.995   -11.526 5.706   1.00 46.20 ? 22  VAL A CB  1 
ATOM   164 C CG1 . VAL A 1 22 ? 10.421  -11.015 7.085   1.00 43.16 ? 22  VAL A CG1 1 
ATOM   165 C CG2 . VAL A 1 22 ? 8.664   -10.908 5.287   1.00 39.25 ? 22  VAL A CG2 1 
ATOM   166 N N   . ASN A 1 23 ? 10.296  -13.101 3.292   1.00 46.72 ? 23  ASN A N   1 
ATOM   167 C CA  . ASN A 1 23 ? 10.057  -13.816 2.034   1.00 51.75 ? 23  ASN A CA  1 
ATOM   168 C C   . ASN A 1 23 ? 8.630   -13.559 1.550   1.00 49.03 ? 23  ASN A C   1 
ATOM   169 O O   . ASN A 1 23 ? 7.763   -14.434 1.572   1.00 56.50 ? 23  ASN A O   1 
ATOM   170 C CB  . ASN A 1 23 ? 10.324  -15.309 2.204   1.00 53.09 ? 23  ASN A CB  1 
ATOM   171 C CG  . ASN A 1 23 ? 10.087  -16.097 0.912   1.00 57.09 ? 23  ASN A CG  1 
ATOM   172 O OD1 . ASN A 1 23 ? 10.409  -15.630 -0.184  1.00 58.65 ? 23  ASN A OD1 1 
ATOM   173 N ND2 . ASN A 1 23 ? 9.495   -17.279 1.038   1.00 51.50 ? 23  ASN A ND2 1 
ATOM   174 N N   . THR A 1 24 ? 8.388   -12.339 1.082   1.00 40.30 ? 24  THR A N   1 
ATOM   175 C CA  . THR A 1 24 ? 7.054   -11.940 0.643   1.00 41.69 ? 24  THR A CA  1 
ATOM   176 C C   . THR A 1 24 ? 6.919   -12.169 -0.861  1.00 39.51 ? 24  THR A C   1 
ATOM   177 O O   . THR A 1 24 ? 7.877   -11.963 -1.610  1.00 38.40 ? 24  THR A O   1 
ATOM   178 C CB  . THR A 1 24 ? 6.800   -10.470 1.007   1.00 39.92 ? 24  THR A CB  1 
ATOM   179 O OG1 . THR A 1 24 ? 6.697   -10.344 2.433   1.00 31.27 ? 24  THR A OG1 1 
ATOM   180 C CG2 . THR A 1 24 ? 5.526   -9.928  0.363   1.00 23.87 ? 24  THR A CG2 1 
ATOM   181 N N   . THR A 1 25 ? 5.729   -12.636 -1.300  1.00 41.73 ? 25  THR A N   1 
ATOM   182 C CA  . THR A 1 25 ? 5.466   -12.935 -2.711  1.00 36.95 ? 25  THR A CA  1 
ATOM   183 C C   . THR A 1 25 ? 4.303   -12.161 -3.321  1.00 30.46 ? 25  THR A C   1 
ATOM   184 O O   . THR A 1 25 ? 4.320   -11.923 -4.535  1.00 27.03 ? 25  THR A O   1 
ATOM   185 C CB  . THR A 1 25 ? 5.205   -14.447 -2.928  1.00 41.75 ? 25  THR A CB  1 
ATOM   186 O OG1 . THR A 1 25 ? 3.937   -14.831 -2.374  1.00 30.66 ? 25  THR A OG1 1 
ATOM   187 C CG2 . THR A 1 25 ? 6.320   -15.298 -2.303  1.00 37.77 ? 25  THR A CG2 1 
ATOM   188 N N   . TRP A 1 26 ? 3.280   -11.799 -2.537  1.00 27.72 ? 26  TRP A N   1 
ATOM   189 C CA  . TRP A 1 26 ? 2.237   -10.869 -2.969  1.00 22.73 ? 26  TRP A CA  1 
ATOM   190 C C   . TRP A 1 26 ? 1.856   -9.981  -1.793  1.00 21.60 ? 26  TRP A C   1 
ATOM   191 O O   . TRP A 1 26 ? 2.076   -10.337 -0.629  1.00 22.77 ? 26  TRP A O   1 
ATOM   192 C CB  . TRP A 1 26 ? 0.972   -11.567 -3.523  1.00 19.73 ? 26  TRP A CB  1 
ATOM   193 C CG  . TRP A 1 26 ? 0.387   -12.658 -2.646  1.00 24.99 ? 26  TRP A CG  1 
ATOM   194 C CD1 . TRP A 1 26 ? 0.547   -13.993 -2.813  1.00 22.21 ? 26  TRP A CD1 1 
ATOM   195 C CD2 . TRP A 1 26 ? -0.438  -12.499 -1.472  1.00 27.19 ? 26  TRP A CD2 1 
ATOM   196 N NE1 . TRP A 1 26 ? -0.112  -14.683 -1.833  1.00 23.21 ? 26  TRP A NE1 1 
ATOM   197 C CE2 . TRP A 1 26 ? -0.727  -13.797 -0.992  1.00 28.21 ? 26  TRP A CE2 1 
ATOM   198 C CE3 . TRP A 1 26 ? -0.952  -11.392 -0.778  1.00 24.86 ? 26  TRP A CE3 1 
ATOM   199 C CZ2 . TRP A 1 26 ? -1.517  -14.026 0.148   1.00 25.77 ? 26  TRP A CZ2 1 
ATOM   200 C CZ3 . TRP A 1 26 ? -1.739  -11.622 0.367   1.00 28.87 ? 26  TRP A CZ3 1 
ATOM   201 C CH2 . TRP A 1 26 ? -2.014  -12.931 0.808   1.00 25.94 ? 26  TRP A CH2 1 
ATOM   202 N N   . VAL A 1 27 ? 1.278   -8.819  -2.116  1.00 18.25 ? 27  VAL A N   1 
ATOM   203 C CA  . VAL A 1 27 ? 0.719   -7.882  -1.138  1.00 15.24 ? 27  VAL A CA  1 
ATOM   204 C C   . VAL A 1 27 ? -0.594  -7.351  -1.700  1.00 16.31 ? 27  VAL A C   1 
ATOM   205 O O   . VAL A 1 27 ? -0.674  -7.015  -2.888  1.00 15.24 ? 27  VAL A O   1 
ATOM   206 C CB  . VAL A 1 27 ? 1.673   -6.701  -0.825  1.00 11.27 ? 27  VAL A CB  1 
ATOM   207 C CG1 . VAL A 1 27 ? 1.137   -5.844  0.306   1.00 9.27  ? 27  VAL A CG1 1 
ATOM   208 C CG2 . VAL A 1 27 ? 3.038   -7.190  -0.470  1.00 12.15 ? 27  VAL A CG2 1 
ATOM   209 N N   . ASP A 1 28 ? -1.620  -7.269  -0.854  1.00 15.77 ? 28  ASP A N   1 
ATOM   210 C CA  . ASP A 1 28 ? -2.816  -6.503  -1.181  1.00 19.55 ? 28  ASP A CA  1 
ATOM   211 C C   . ASP A 1 28 ? -2.852  -5.241  -0.315  1.00 17.07 ? 28  ASP A C   1 
ATOM   212 O O   . ASP A 1 28 ? -2.322  -5.223  0.801   1.00 13.85 ? 28  ASP A O   1 
ATOM   213 C CB  . ASP A 1 28 ? -4.107  -7.315  -0.959  1.00 22.51 ? 28  ASP A CB  1 
ATOM   214 C CG  . ASP A 1 28 ? -4.104  -8.694  -1.654  1.00 23.95 ? 28  ASP A CG  1 
ATOM   215 O OD1 . ASP A 1 28 ? -4.370  -9.715  -0.981  1.00 27.55 ? 28  ASP A OD1 1 
ATOM   216 O OD2 . ASP A 1 28 ? -3.841  -8.771  -2.867  1.00 27.35 ? 28  ASP A OD2 1 
ATOM   217 N N   . VAL A 1 29 ? -3.473  -4.180  -0.841  1.00 13.68 ? 29  VAL A N   1 
ATOM   218 C CA  . VAL A 1 29 ? -3.807  -2.978  -0.078  1.00 16.28 ? 29  VAL A CA  1 
ATOM   219 C C   . VAL A 1 29 ? -5.303  -2.989  0.179   1.00 15.96 ? 29  VAL A C   1 
ATOM   220 O O   . VAL A 1 29 ? -6.087  -3.370  -0.698  1.00 17.12 ? 29  VAL A O   1 
ATOM   221 C CB  . VAL A 1 29 ? -3.461  -1.653  -0.798  1.00 16.37 ? 29  VAL A CB  1 
ATOM   222 C CG1 . VAL A 1 29 ? -2.438  -0.863  -0.037  1.00 17.60 ? 29  VAL A CG1 1 
ATOM   223 C CG2 . VAL A 1 29 ? -3.105  -1.848  -2.251  1.00 13.03 ? 29  VAL A CG2 1 
ATOM   224 N N   . HIS A 1 30 ? -5.706  -2.508  1.345   1.00 13.39 ? 30  HIS A N   1 
ATOM   225 C CA  . HIS A 1 30 ? -7.107  -2.240  1.628   1.00 16.47 ? 30  HIS A CA  1 
ATOM   226 C C   . HIS A 1 30 ? -7.208  -0.786  2.034   1.00 16.66 ? 30  HIS A C   1 
ATOM   227 O O   . HIS A 1 30 ? -6.521  -0.358  2.965   1.00 19.62 ? 30  HIS A O   1 
ATOM   228 C CB  . HIS A 1 30 ? -7.638  -3.152  2.729   1.00 14.81 ? 30  HIS A CB  1 
ATOM   229 C CG  . HIS A 1 30 ? -7.307  -4.587  2.522   1.00 13.79 ? 30  HIS A CG  1 
ATOM   230 N ND1 . HIS A 1 30 ? -8.040  -5.403  1.680   1.00 16.81 ? 30  HIS A ND1 1 
ATOM   231 C CD2 . HIS A 1 30 ? -6.323  -5.362  3.027   1.00 13.67 ? 30  HIS A CD2 1 
ATOM   232 C CE1 . HIS A 1 30 ? -7.519  -6.611  1.679   1.00 14.58 ? 30  HIS A CE1 1 
ATOM   233 N NE2 . HIS A 1 30 ? -6.477  -6.617  2.495   1.00 15.44 ? 30  HIS A NE2 1 
ATOM   234 N N   . TYR A 1 31 ? -8.026  -0.014  1.329   1.00 15.28 ? 31  TYR A N   1 
ATOM   235 C CA  . TYR A 1 31 ? -7.980  1.410   1.602   1.00 13.59 ? 31  TYR A CA  1 
ATOM   236 C C   . TYR A 1 31 ? -9.345  2.060   1.442   1.00 13.00 ? 31  TYR A C   1 
ATOM   237 O O   . TYR A 1 31 ? -10.214 1.568   0.729   1.00 13.78 ? 31  TYR A O   1 
ATOM   238 C CB  . TYR A 1 31 ? -6.932  2.119   0.724   1.00 18.80 ? 31  TYR A CB  1 
ATOM   239 C CG  . TYR A 1 31 ? -7.133  2.077   -0.783  1.00 14.19 ? 31  TYR A CG  1 
ATOM   240 C CD1 . TYR A 1 31 ? -6.515  1.115   -1.557  1.00 11.45 ? 31  TYR A CD1 1 
ATOM   241 C CD2 . TYR A 1 31 ? -7.914  3.029   -1.424  1.00 13.60 ? 31  TYR A CD2 1 
ATOM   242 C CE1 . TYR A 1 31 ? -6.669  1.096   -2.922  1.00 9.98  ? 31  TYR A CE1 1 
ATOM   243 C CE2 . TYR A 1 31 ? -8.083  3.012   -2.778  1.00 11.29 ? 31  TYR A CE2 1 
ATOM   244 C CZ  . TYR A 1 31 ? -7.457  2.048   -3.529  1.00 12.39 ? 31  TYR A CZ  1 
ATOM   245 O OH  . TYR A 1 31 ? -7.636  2.030   -4.898  1.00 13.33 ? 31  TYR A OH  1 
ATOM   246 N N   . LYS A 1 32 ? -9.520  3.157   2.156   1.00 17.16 ? 32  LYS A N   1 
ATOM   247 C CA  . LYS A 1 32 ? -10.664 4.038   2.026   1.00 18.74 ? 32  LYS A CA  1 
ATOM   248 C C   . LYS A 1 32 ? -10.125 5.427   1.772   1.00 25.36 ? 32  LYS A C   1 
ATOM   249 O O   . LYS A 1 32 ? -9.272  5.912   2.533   1.00 27.38 ? 32  LYS A O   1 
ATOM   250 C CB  . LYS A 1 32 ? -11.528 4.056   3.289   1.00 19.02 ? 32  LYS A CB  1 
ATOM   251 C CG  . LYS A 1 32 ? -12.248 2.759   3.620   1.00 20.08 ? 32  LYS A CG  1 
ATOM   252 C CD  . LYS A 1 32 ? -12.408 2.623   5.124   1.00 20.17 ? 32  LYS A CD  1 
ATOM   253 C CE  . LYS A 1 32 ? -13.773 3.066   5.650   1.00 30.99 ? 32  LYS A CE  1 
ATOM   254 N NZ  . LYS A 1 32 ? -14.936 2.556   4.888   1.00 31.87 ? 32  LYS A NZ  1 
ATOM   255 N N   . VAL A 1 33 ? -10.597 6.060   0.701   1.00 19.71 ? 33  VAL A N   1 
ATOM   256 C CA  . VAL A 1 33 ? -10.269 7.449   0.413   1.00 22.85 ? 33  VAL A CA  1 
ATOM   257 C C   . VAL A 1 33 ? -11.485 8.289   0.784   1.00 30.17 ? 33  VAL A C   1 
ATOM   258 O O   . VAL A 1 33 ? -12.606 8.026   0.321   1.00 24.95 ? 33  VAL A O   1 
ATOM   259 C CB  . VAL A 1 33 ? -9.828  7.645   -1.050  1.00 22.54 ? 33  VAL A CB  1 
ATOM   260 C CG1 . VAL A 1 33 ? -10.258 6.478   -1.910  1.00 16.49 ? 33  VAL A CG1 1 
ATOM   261 C CG2 . VAL A 1 33 ? -10.301 8.998   -1.613  1.00 19.97 ? 33  VAL A CG2 1 
ATOM   262 N N   . ASN A 1 34 ? -11.267 9.270   1.663   1.00 34.51 ? 34  ASN A N   1 
ATOM   263 C CA  . ASN A 1 34 ? -12.328 10.139  2.168   1.00 30.02 ? 34  ASN A CA  1 
ATOM   264 C C   . ASN A 1 34 ? -13.520 9.315   2.640   1.00 28.07 ? 34  ASN A C   1 
ATOM   265 O O   . ASN A 1 34 ? -14.667 9.563   2.262   1.00 34.31 ? 34  ASN A O   1 
ATOM   266 C CB  . ASN A 1 34 ? -12.749 11.163  1.117   1.00 20.05 ? 34  ASN A CB  1 
ATOM   267 C CG  . ASN A 1 34 ? -11.599 12.017  0.649   1.00 25.20 ? 34  ASN A CG  1 
ATOM   268 O OD1 . ASN A 1 34 ? -10.713 12.384  1.428   1.00 28.96 ? 34  ASN A OD1 1 
ATOM   269 N ND2 . ASN A 1 34 ? -11.597 12.339  -0.636  1.00 27.38 ? 34  ASN A ND2 1 
ATOM   270 N N   . SER A 1 35 ? -13.226 8.296   3.447   1.00 26.10 ? 35  SER A N   1 
ATOM   271 C CA  . SER A 1 35 ? -14.245 7.505   4.143   1.00 30.98 ? 35  SER A CA  1 
ATOM   272 C C   . SER A 1 35 ? -15.190 6.794   3.178   1.00 27.48 ? 35  SER A C   1 
ATOM   273 O O   . SER A 1 35 ? -16.317 6.451   3.541   1.00 21.78 ? 35  SER A O   1 
ATOM   274 C CB  . SER A 1 35 ? -15.042 8.374   5.120   1.00 35.06 ? 35  SER A CB  1 
ATOM   275 O OG  . SER A 1 35 ? -14.171 9.222   5.843   1.00 30.63 ? 35  SER A OG  1 
ATOM   276 N N   . GLY A 1 36 ? -14.742 6.576   1.941   1.00 28.44 ? 36  GLY A N   1 
ATOM   277 C CA  . GLY A 1 36 ? -15.538 5.871   0.963   1.00 20.66 ? 36  GLY A CA  1 
ATOM   278 C C   . GLY A 1 36 ? -15.441 4.379   1.142   1.00 19.49 ? 36  GLY A C   1 
ATOM   279 O O   . GLY A 1 36 ? -14.833 3.874   2.083   1.00 19.18 ? 36  GLY A O   1 
ATOM   280 N N   . VAL A 1 37 ? -16.048 3.654   0.199   1.00 20.68 ? 37  VAL A N   1 
ATOM   281 C CA  . VAL A 1 37 ? -16.057 2.202   0.274   1.00 25.51 ? 37  VAL A CA  1 
ATOM   282 C C   . VAL A 1 37 ? -14.637 1.660   0.219   1.00 22.84 ? 37  VAL A C   1 
ATOM   283 O O   . VAL A 1 37 ? -13.791 2.130   -0.550  1.00 22.53 ? 37  VAL A O   1 
ATOM   284 C CB  . VAL A 1 37 ? -16.927 1.606   -0.845  1.00 31.82 ? 37  VAL A CB  1 
ATOM   285 C CG1 . VAL A 1 37 ? -16.967 0.095   -0.720  1.00 38.11 ? 37  VAL A CG1 1 
ATOM   286 C CG2 . VAL A 1 37 ? -18.325 2.169   -0.752  1.00 40.04 ? 37  VAL A CG2 1 
ATOM   287 N N   . GLN A 1 38 ? -14.378 0.657   1.043   1.00 18.86 ? 38  GLN A N   1 
ATOM   288 C CA  . GLN A 1 38 ? -13.055 0.065   1.124   1.00 15.90 ? 38  GLN A CA  1 
ATOM   289 C C   . GLN A 1 38 ? -12.715 -0.636  -0.184  1.00 14.75 ? 38  GLN A C   1 
ATOM   290 O O   . GLN A 1 38 ? -13.488 -1.461  -0.673  1.00 15.11 ? 38  GLN A O   1 
ATOM   291 C CB  . GLN A 1 38 ? -12.994 -0.915  2.292   1.00 15.99 ? 38  GLN A CB  1 
ATOM   292 C CG  . GLN A 1 38 ? -11.747 -1.748  2.324   1.00 15.61 ? 38  GLN A CG  1 
ATOM   293 C CD  . GLN A 1 38 ? -11.564 -2.520  3.621   1.00 17.94 ? 38  GLN A CD  1 
ATOM   294 O OE1 . GLN A 1 38 ? -11.881 -2.046  4.715   1.00 16.12 ? 38  GLN A OE1 1 
ATOM   295 N NE2 . GLN A 1 38 ? -11.023 -3.717  3.500   1.00 20.25 ? 38  GLN A NE2 1 
ATOM   296 N N   . GLN A 1 39 ? -11.574 -0.288  -0.765  1.00 11.72 ? 39  GLN A N   1 
ATOM   297 C CA  . GLN A 1 39 ? -11.092 -0.946  -1.971  1.00 16.25 ? 39  GLN A CA  1 
ATOM   298 C C   . GLN A 1 39 ? -10.045 -1.986  -1.616  1.00 12.85 ? 39  GLN A C   1 
ATOM   299 O O   . GLN A 1 39 ? -9.190  -1.775  -0.757  1.00 13.14 ? 39  GLN A O   1 
ATOM   300 C CB  . GLN A 1 39 ? -10.490 0.038   -2.983  1.00 17.34 ? 39  GLN A CB  1 
ATOM   301 C CG  . GLN A 1 39 ? -11.265 1.335   -3.264  1.00 23.52 ? 39  GLN A CG  1 
ATOM   302 C CD  . GLN A 1 39 ? -12.653 1.094   -3.817  1.00 25.93 ? 39  GLN A CD  1 
ATOM   303 O OE1 . GLN A 1 39 ? -13.600 1.796   -3.470  1.00 23.74 ? 39  GLN A OE1 1 
ATOM   304 N NE2 . GLN A 1 39 ? -12.786 0.084   -4.663  1.00 33.87 ? 39  GLN A NE2 1 
ATOM   305 N N   . ASN A 1 40 ? -10.115 -3.117  -2.297  1.00 11.68 ? 40  ASN A N   1 
ATOM   306 C CA  . ASN A 1 40 ? -9.191  -4.213  -2.067  1.00 12.47 ? 40  ASN A CA  1 
ATOM   307 C C   . ASN A 1 40 ? -8.531  -4.509  -3.397  1.00 12.63 ? 40  ASN A C   1 
ATOM   308 O O   . ASN A 1 40 ? -9.221  -4.801  -4.370  1.00 18.43 ? 40  ASN A O   1 
ATOM   309 C CB  . ASN A 1 40 ? -9.938  -5.423  -1.505  1.00 14.81 ? 40  ASN A CB  1 
ATOM   310 C CG  . ASN A 1 40 ? -10.865 -5.023  -0.363  1.00 19.94 ? 40  ASN A CG  1 
ATOM   311 O OD1 . ASN A 1 40 ? -10.414 -4.780  0.766   1.00 20.15 ? 40  ASN A OD1 1 
ATOM   312 N ND2 . ASN A 1 40 ? -12.148 -4.875  -0.666  1.00 16.02 ? 40  ASN A ND2 1 
ATOM   313 N N   . VAL A 1 41 ? -7.212  -4.367  -3.456  1.00 11.62 ? 41  VAL A N   1 
ATOM   314 C CA  . VAL A 1 41 ? -6.460  -4.416  -4.709  1.00 10.66 ? 41  VAL A CA  1 
ATOM   315 C C   . VAL A 1 41 ? -5.156  -5.131  -4.429  1.00 14.31 ? 41  VAL A C   1 
ATOM   316 O O   . VAL A 1 41 ? -4.509  -4.834  -3.425  1.00 17.95 ? 41  VAL A O   1 
ATOM   317 C CB  . VAL A 1 41 ? -6.164  -3.004  -5.242  1.00 10.13 ? 41  VAL A CB  1 
ATOM   318 C CG1 . VAL A 1 41 ? -5.248  -3.058  -6.425  1.00 14.20 ? 41  VAL A CG1 1 
ATOM   319 C CG2 . VAL A 1 41 ? -7.446  -2.274  -5.571  1.00 10.98 ? 41  VAL A CG2 1 
ATOM   320 N N   . ARG A 1 42 ? -4.749  -6.058  -5.295  1.00 13.24 ? 42  ARG A N   1 
ATOM   321 C CA  . ARG A 1 42 ? -3.402  -6.595  -5.141  1.00 16.44 ? 42  ARG A CA  1 
ATOM   322 C C   . ARG A 1 42 ? -2.401  -5.660  -5.825  1.00 13.81 ? 42  ARG A C   1 
ATOM   323 O O   . ARG A 1 42 ? -2.715  -5.006  -6.826  1.00 11.83 ? 42  ARG A O   1 
ATOM   324 C CB  . ARG A 1 42 ? -3.284  -8.030  -5.675  1.00 20.01 ? 42  ARG A CB  1 
ATOM   325 C CG  . ARG A 1 42 ? -1.836  -8.446  -5.955  1.00 18.97 ? 42  ARG A CG  1 
ATOM   326 C CD  . ARG A 1 42 ? -1.628  -9.939  -5.985  1.00 31.10 ? 42  ARG A CD  1 
ATOM   327 N NE  . ARG A 1 42 ? -2.090  -10.672 -4.805  1.00 29.57 ? 42  ARG A NE  1 
ATOM   328 C CZ  . ARG A 1 42 ? -2.974  -11.662 -4.862  1.00 27.54 ? 42  ARG A CZ  1 
ATOM   329 N NH1 . ARG A 1 42 ? -3.511  -12.007 -6.027  1.00 35.85 ? 42  ARG A NH1 1 
ATOM   330 N NH2 . ARG A 1 42 ? -3.330  -12.302 -3.764  1.00 31.04 ? 42  ARG A NH2 1 
ATOM   331 N N   . MET A 1 43 ? -1.212  -5.563  -5.243  1.00 14.90 ? 43  MET A N   1 
ATOM   332 C CA  . MET A 1 43 ? -0.233  -4.572  -5.636  1.00 12.98 ? 43  MET A CA  1 
ATOM   333 C C   . MET A 1 43 ? 0.669   -5.126  -6.723  1.00 17.83 ? 43  MET A C   1 
ATOM   334 O O   . MET A 1 43 ? 0.711   -6.334  -6.967  1.00 19.61 ? 43  MET A O   1 
ATOM   335 C CB  . MET A 1 43 ? 0.601   -4.133  -4.430  1.00 13.93 ? 43  MET A CB  1 
ATOM   336 C CG  . MET A 1 43 ? -0.249  -3.515  -3.300  1.00 14.42 ? 43  MET A CG  1 
ATOM   337 S SD  . MET A 1 43 ? 0.641   -3.051  -1.764  1.00 12.13 ? 43  MET A SD  1 
ATOM   338 C CE  . MET A 1 43 ? 1.216   -1.385  -2.137  1.00 12.15 ? 43  MET A CE  1 
ATOM   339 N N   . SER A 1 44 ? 1.352   -4.214  -7.407  1.00 19.40 ? 44  SER A N   1 
ATOM   340 C CA  . SER A 1 44 ? 2.363   -4.481  -8.412  1.00 16.57 ? 44  SER A CA  1 
ATOM   341 C C   . SER A 1 44 ? 3.735   -4.453  -7.749  1.00 21.16 ? 44  SER A C   1 
ATOM   342 O O   . SER A 1 44 ? 3.899   -3.932  -6.647  1.00 19.65 ? 44  SER A O   1 
ATOM   343 C CB  . SER A 1 44 ? 2.307   -3.412  -9.497  1.00 14.26 ? 44  SER A CB  1 
ATOM   344 O OG  . SER A 1 44 ? 0.992   -3.228  -9.973  1.00 26.93 ? 44  SER A OG  1 
ATOM   345 N N   . PHE A 1 45 ? 4.737   -4.984  -8.438  1.00 21.04 ? 45  PHE A N   1 
ATOM   346 C CA  . PHE A 1 45 ? 6.094   -4.946  -7.916  1.00 17.45 ? 45  PHE A CA  1 
ATOM   347 C C   . PHE A 1 45 ? 6.949   -4.037  -8.789  1.00 18.81 ? 45  PHE A C   1 
ATOM   348 O O   . PHE A 1 45 ? 7.230   -4.358  -9.948  1.00 22.25 ? 45  PHE A O   1 
ATOM   349 C CB  . PHE A 1 45 ? 6.721   -6.333  -7.815  1.00 21.37 ? 45  PHE A CB  1 
ATOM   350 C CG  . PHE A 1 45 ? 8.070   -6.312  -7.157  1.00 22.24 ? 45  PHE A CG  1 
ATOM   351 C CD1 . PHE A 1 45 ? 8.181   -6.172  -5.782  1.00 19.20 ? 45  PHE A CD1 1 
ATOM   352 C CD2 . PHE A 1 45 ? 9.227   -6.377  -7.913  1.00 20.23 ? 45  PHE A CD2 1 
ATOM   353 C CE1 . PHE A 1 45 ? 9.426   -6.125  -5.166  1.00 19.77 ? 45  PHE A CE1 1 
ATOM   354 C CE2 . PHE A 1 45 ? 10.474  -6.328  -7.310  1.00 25.86 ? 45  PHE A CE2 1 
ATOM   355 C CZ  . PHE A 1 45 ? 10.576  -6.201  -5.928  1.00 24.64 ? 45  PHE A CZ  1 
ATOM   356 N N   . ASN A 1 46 ? 7.382   -2.918  -8.220  1.00 16.43 ? 46  ASN A N   1 
ATOM   357 C CA  . ASN A 1 46 ? 8.273   -1.991  -8.909  1.00 18.98 ? 46  ASN A CA  1 
ATOM   358 C C   . ASN A 1 46 ? 9.689   -2.445  -8.599  1.00 23.23 ? 46  ASN A C   1 
ATOM   359 O O   . ASN A 1 46 ? 10.204  -2.201  -7.505  1.00 22.26 ? 46  ASN A O   1 
ATOM   360 C CB  . ASN A 1 46 ? 8.017   -0.560  -8.455  1.00 15.63 ? 46  ASN A CB  1 
ATOM   361 C CG  . ASN A 1 46 ? 8.971   0.436   -9.076  1.00 17.30 ? 46  ASN A CG  1 
ATOM   362 O OD1 . ASN A 1 46 ? 9.907   0.076   -9.782  1.00 19.57 ? 46  ASN A OD1 1 
ATOM   363 N ND2 . ASN A 1 46 ? 8.747   1.704   -8.790  1.00 19.86 ? 46  ASN A ND2 1 
ATOM   364 N N   . ALA A 1 47 ? 10.317  -3.121  -9.569  1.00 27.88 ? 47  ALA A N   1 
ATOM   365 C CA  . ALA A 1 47 ? 11.681  -3.600  -9.378  1.00 18.78 ? 47  ALA A CA  1 
ATOM   366 C C   . ALA A 1 47 ? 12.659  -2.447  -9.235  1.00 23.86 ? 47  ALA A C   1 
ATOM   367 O O   . ALA A 1 47 ? 13.659  -2.572  -8.521  1.00 29.44 ? 47  ALA A O   1 
ATOM   368 C CB  . ALA A 1 47 ? 12.091  -4.501  -10.537 1.00 12.26 ? 47  ALA A CB  1 
ATOM   369 N N   . GLY A 1 48 ? 12.380  -1.312  -9.884  1.00 22.47 ? 48  GLY A N   1 
ATOM   370 C CA  . GLY A 1 48 ? 13.244  -0.149  -9.741  1.00 24.25 ? 48  GLY A CA  1 
ATOM   371 C C   . GLY A 1 48 ? 13.407  0.316   -8.305  1.00 28.89 ? 48  GLY A C   1 
ATOM   372 O O   . GLY A 1 48 ? 14.473  0.808   -7.922  1.00 36.26 ? 48  GLY A O   1 
ATOM   373 N N   . ALA A 1 49 ? 12.364  0.164   -7.492  1.00 26.61 ? 49  ALA A N   1 
ATOM   374 C CA  . ALA A 1 49 ? 12.404  0.548   -6.087  1.00 24.10 ? 49  ALA A CA  1 
ATOM   375 C C   . ALA A 1 49 ? 12.352  -0.658  -5.152  1.00 19.42 ? 49  ALA A C   1 
ATOM   376 O O   . ALA A 1 49 ? 12.305  -0.480  -3.927  1.00 16.80 ? 49  ALA A O   1 
ATOM   377 C CB  . ALA A 1 49 ? 11.255  1.515   -5.784  1.00 20.47 ? 49  ALA A CB  1 
ATOM   378 N N   . ALA A 1 50 ? 12.361  -1.873  -5.709  1.00 22.84 ? 50  ALA A N   1 
ATOM   379 C CA  . ALA A 1 50 ? 12.263  -3.129  -4.956  1.00 21.72 ? 50  ALA A CA  1 
ATOM   380 C C   . ALA A 1 50 ? 11.176  -3.058  -3.887  1.00 20.56 ? 50  ALA A C   1 
ATOM   381 O O   . ALA A 1 50 ? 11.433  -3.251  -2.692  1.00 16.38 ? 50  ALA A O   1 
ATOM   382 C CB  . ALA A 1 50 ? 13.608  -3.499  -4.334  1.00 22.60 ? 50  ALA A CB  1 
ATOM   383 N N   . ARG A 1 51 ? 9.947   -2.782  -4.332  1.00 15.03 ? 51  ARG A N   1 
ATOM   384 C CA  . ARG A 1 51 ? 8.826   -2.597  -3.416  1.00 16.98 ? 51  ARG A CA  1 
ATOM   385 C C   . ARG A 1 51 ? 7.509   -2.815  -4.159  1.00 19.35 ? 51  ARG A C   1 
ATOM   386 O O   . ARG A 1 51 ? 7.431   -2.633  -5.381  1.00 17.97 ? 51  ARG A O   1 
ATOM   387 C CB  . ARG A 1 51 ? 8.860   -1.198  -2.767  1.00 12.76 ? 51  ARG A CB  1 
ATOM   388 C CG  . ARG A 1 51 ? 8.518   -0.077  -3.731  1.00 13.13 ? 51  ARG A CG  1 
ATOM   389 C CD  . ARG A 1 51 ? 8.651   1.336   -3.169  1.00 12.82 ? 51  ARG A CD  1 
ATOM   390 N NE  . ARG A 1 51 ? 8.028   2.270   -4.098  1.00 12.91 ? 51  ARG A NE  1 
ATOM   391 C CZ  . ARG A 1 51 ? 8.029   3.599   -4.007  1.00 16.03 ? 51  ARG A CZ  1 
ATOM   392 N NH1 . ARG A 1 51 ? 8.630   4.227   -2.996  1.00 9.94  ? 51  ARG A NH1 1 
ATOM   393 N NH2 . ARG A 1 51 ? 7.397   4.306   -4.942  1.00 15.55 ? 51  ARG A NH2 1 
ATOM   394 N N   . PHE A 1 52 ? 6.477   -3.214  -3.404  1.00 15.99 ? 52  PHE A N   1 
ATOM   395 C CA  . PHE A 1 52 ? 5.133   -3.351  -3.944  1.00 14.60 ? 52  PHE A CA  1 
ATOM   396 C C   . PHE A 1 52 ? 4.418   -2.012  -3.899  1.00 14.53 ? 52  PHE A C   1 
ATOM   397 O O   . PHE A 1 52 ? 4.600   -1.237  -2.957  1.00 11.55 ? 52  PHE A O   1 
ATOM   398 C CB  . PHE A 1 52 ? 4.326   -4.389  -3.161  1.00 18.24 ? 52  PHE A CB  1 
ATOM   399 C CG  . PHE A 1 52 ? 4.873   -5.777  -3.270  1.00 22.77 ? 52  PHE A CG  1 
ATOM   400 C CD1 . PHE A 1 52 ? 5.896   -6.207  -2.427  1.00 16.34 ? 52  PHE A CD1 1 
ATOM   401 C CD2 . PHE A 1 52 ? 4.394   -6.644  -4.235  1.00 22.56 ? 52  PHE A CD2 1 
ATOM   402 C CE1 . PHE A 1 52 ? 6.420   -7.463  -2.541  1.00 16.01 ? 52  PHE A CE1 1 
ATOM   403 C CE2 . PHE A 1 52 ? 4.928   -7.929  -4.344  1.00 21.23 ? 52  PHE A CE2 1 
ATOM   404 C CZ  . PHE A 1 52 ? 5.941   -8.324  -3.498  1.00 22.36 ? 52  PHE A CZ  1 
ATOM   405 N N   . GLU A 1 53 ? 3.580   -1.763  -4.913  1.00 12.73 ? 53  GLU A N   1 
ATOM   406 C CA  . GLU A 1 53 ? 3.001   -0.453  -5.155  1.00 14.16 ? 53  GLU A CA  1 
ATOM   407 C C   . GLU A 1 53 ? 1.553   -0.562  -5.624  1.00 13.64 ? 53  GLU A C   1 
ATOM   408 O O   . GLU A 1 53 ? 1.156   -1.530  -6.280  1.00 8.28  ? 53  GLU A O   1 
ATOM   409 C CB  . GLU A 1 53 ? 3.814   0.323   -6.204  1.00 14.13 ? 53  GLU A CB  1 
ATOM   410 C CG  . GLU A 1 53 ? 5.223   0.683   -5.782  1.00 14.74 ? 53  GLU A CG  1 
ATOM   411 C CD  . GLU A 1 53 ? 5.947   1.464   -6.852  1.00 17.94 ? 53  GLU A CD  1 
ATOM   412 O OE1 . GLU A 1 53 ? 5.476   1.442   -8.010  1.00 21.98 ? 53  GLU A OE1 1 
ATOM   413 O OE2 . GLU A 1 53 ? 6.979   2.110   -6.547  1.00 20.33 ? 53  GLU A OE2 1 
ATOM   414 N N   . HIS A 1 54 ? 0.771   0.465   -5.274  1.00 10.86 ? 54  HIS A N   1 
ATOM   415 C CA  . HIS A 1 54 ? -0.539  0.718   -5.855  1.00 13.46 ? 54  HIS A CA  1 
ATOM   416 C C   . HIS A 1 54 ? -0.764  2.225   -5.942  1.00 13.24 ? 54  HIS A C   1 
ATOM   417 O O   . HIS A 1 54 ? -0.655  2.933   -4.933  1.00 10.84 ? 54  HIS A O   1 
ATOM   418 C CB  . HIS A 1 54 ? -1.652  0.076   -5.035  1.00 8.54  ? 54  HIS A CB  1 
ATOM   419 C CG  . HIS A 1 54 ? -3.015  0.459   -5.505  1.00 10.98 ? 54  HIS A CG  1 
ATOM   420 N ND1 . HIS A 1 54 ? -3.550  -0.010  -6.687  1.00 12.40 ? 54  HIS A ND1 1 
ATOM   421 C CD2 . HIS A 1 54 ? -3.922  1.326   -5.003  1.00 12.18 ? 54  HIS A CD2 1 
ATOM   422 C CE1 . HIS A 1 54 ? -4.744  0.521   -6.870  1.00 11.40 ? 54  HIS A CE1 1 
ATOM   423 N NE2 . HIS A 1 54 ? -4.995  1.340   -5.866  1.00 11.27 ? 54  HIS A NE2 1 
ATOM   424 N N   . THR A 1 55 ? -1.064  2.721   -7.142  1.00 12.00 ? 55  THR A N   1 
ATOM   425 C CA  . THR A 1 55 ? -1.229  4.150   -7.371  1.00 12.68 ? 55  THR A CA  1 
ATOM   426 C C   . THR A 1 55 ? -2.711  4.507   -7.455  1.00 13.36 ? 55  THR A C   1 
ATOM   427 O O   . THR A 1 55 ? -3.484  3.842   -8.150  1.00 11.90 ? 55  THR A O   1 
ATOM   428 C CB  . THR A 1 55 ? -0.519  4.604   -8.653  1.00 15.37 ? 55  THR A CB  1 
ATOM   429 O OG1 . THR A 1 55 ? 0.906   4.503   -8.499  1.00 11.27 ? 55  THR A OG1 1 
ATOM   430 C CG2 . THR A 1 55 ? -0.891  6.049   -8.964  1.00 11.21 ? 55  THR A CG2 1 
ATOM   431 N N   . ILE A 1 56 ? -3.097  5.564   -6.751  1.00 13.22 ? 56  ILE A N   1 
ATOM   432 C CA  . ILE A 1 56 ? -4.443  6.108   -6.791  1.00 14.93 ? 56  ILE A CA  1 
ATOM   433 C C   . ILE A 1 56 ? -4.364  7.432   -7.550  1.00 18.50 ? 56  ILE A C   1 
ATOM   434 O O   . ILE A 1 56 ? -3.546  8.297   -7.212  1.00 18.61 ? 56  ILE A O   1 
ATOM   435 C CB  . ILE A 1 56 ? -5.000  6.300   -5.371  1.00 18.57 ? 56  ILE A CB  1 
ATOM   436 C CG1 . ILE A 1 56 ? -4.882  4.998   -4.557  1.00 11.07 ? 56  ILE A CG1 1 
ATOM   437 C CG2 . ILE A 1 56 ? -6.429  6.823   -5.424  1.00 15.11 ? 56  ILE A CG2 1 
ATOM   438 C CD1 . ILE A 1 56 ? -4.778  5.221   -3.042  1.00 7.81  ? 56  ILE A CD1 1 
ATOM   439 N N   . LEU A 1 57 ? -5.184  7.584   -8.589  1.00 20.33 ? 57  LEU A N   1 
ATOM   440 C CA  . LEU A 1 57 ? -5.194  8.826   -9.351  1.00 18.44 ? 57  LEU A CA  1 
ATOM   441 C C   . LEU A 1 57 ? -5.798  9.954   -8.522  1.00 19.03 ? 57  LEU A C   1 
ATOM   442 O O   . LEU A 1 57 ? -6.770  9.751   -7.792  1.00 20.96 ? 57  LEU A O   1 
ATOM   443 C CB  . LEU A 1 57 ? -5.981  8.655   -10.653 1.00 16.85 ? 57  LEU A CB  1 
ATOM   444 C CG  . LEU A 1 57 ? -5.282  8.012   -11.858 1.00 18.57 ? 57  LEU A CG  1 
ATOM   445 C CD1 . LEU A 1 57 ? -5.989  8.397   -13.130 1.00 19.80 ? 57  LEU A CD1 1 
ATOM   446 C CD2 . LEU A 1 57 ? -3.818  8.405   -11.944 1.00 18.22 ? 57  LEU A CD2 1 
ATOM   447 N N   . THR A 1 58 ? -5.182  11.137  -8.609  1.00 21.98 ? 58  THR A N   1 
ATOM   448 C CA  . THR A 1 58 ? -5.754  12.392  -8.114  1.00 19.12 ? 58  THR A CA  1 
ATOM   449 C C   . THR A 1 58 ? -6.207  12.294  -6.654  1.00 21.00 ? 58  THR A C   1 
ATOM   450 O O   . THR A 1 58 ? -7.350  12.602  -6.309  1.00 27.12 ? 58  THR A O   1 
ATOM   451 C CB  . THR A 1 58 ? -6.912  12.838  -9.011  1.00 21.08 ? 58  THR A CB  1 
ATOM   452 O OG1 . THR A 1 58 ? -8.056  12.016  -8.757  1.00 29.86 ? 58  THR A OG1 1 
ATOM   453 C CG2 . THR A 1 58 ? -6.547  12.708  -10.470 1.00 16.04 ? 58  THR A CG2 1 
ATOM   454 N N   . ALA A 1 59 ? -5.291  11.881  -5.779  1.00 16.81 ? 59  ALA A N   1 
ATOM   455 C CA  . ALA A 1 59 ? -5.631  11.668  -4.381  1.00 15.85 ? 59  ALA A CA  1 
ATOM   456 C C   . ALA A 1 59 ? -4.678  12.385  -3.437  1.00 21.86 ? 59  ALA A C   1 
ATOM   457 O O   . ALA A 1 59 ? -4.791  12.220  -2.215  1.00 19.43 ? 59  ALA A O   1 
ATOM   458 C CB  . ALA A 1 59 ? -5.652  10.173  -4.062  1.00 18.42 ? 59  ALA A CB  1 
ATOM   459 N N   . ALA A 1 60 ? -3.747  13.177  -3.972  1.00 23.49 ? 60  ALA A N   1 
ATOM   460 C CA  . ALA A 1 60 ? -2.766  13.844  -3.127  1.00 18.31 ? 60  ALA A CA  1 
ATOM   461 C C   . ALA A 1 60 ? -3.434  14.764  -2.117  1.00 22.79 ? 60  ALA A C   1 
ATOM   462 O O   . ALA A 1 60 ? -2.896  14.976  -1.025  1.00 24.95 ? 60  ALA A O   1 
ATOM   463 C CB  . ALA A 1 60 ? -1.777  14.617  -3.998  1.00 25.03 ? 60  ALA A CB  1 
ATOM   464 N N   . GLN A 1 61 ? -4.611  15.302  -2.446  1.00 28.27 ? 61  GLN A N   1 
ATOM   465 C CA  . GLN A 1 61 ? -5.360  16.159  -1.533  1.00 25.76 ? 61  GLN A CA  1 
ATOM   466 C C   . GLN A 1 61 ? -6.427  15.406  -0.756  1.00 30.82 ? 61  GLN A C   1 
ATOM   467 O O   . GLN A 1 61 ? -7.165  16.018  0.021   1.00 34.57 ? 61  GLN A O   1 
ATOM   468 C CB  . GLN A 1 61 ? -6.013  17.305  -2.292  1.00 24.61 ? 61  GLN A CB  1 
ATOM   469 C CG  . GLN A 1 61 ? -5.000  18.252  -2.891  1.00 36.27 ? 61  GLN A CG  1 
ATOM   470 C CD  . GLN A 1 61 ? -4.424  19.213  -1.861  1.00 47.94 ? 61  GLN A CD  1 
ATOM   471 O OE1 . GLN A 1 61 ? -5.023  19.462  -0.804  1.00 49.92 ? 61  GLN A OE1 1 
ATOM   472 N NE2 . GLN A 1 61 ? -3.252  19.762  -2.165  1.00 48.45 ? 61  GLN A NE2 1 
ATOM   473 N N   . ALA A 1 62 ? -6.545  14.106  -0.961  1.00 29.10 ? 62  ALA A N   1 
ATOM   474 C CA  . ALA A 1 62 ? -7.492  13.295  -0.220  1.00 22.06 ? 62  ALA A CA  1 
ATOM   475 C C   . ALA A 1 62 ? -6.839  12.830  1.071   1.00 22.92 ? 62  ALA A C   1 
ATOM   476 O O   . ALA A 1 62 ? -5.633  12.991  1.281   1.00 20.72 ? 62  ALA A O   1 
ATOM   477 C CB  . ALA A 1 62 ? -7.947  12.096  -1.056  1.00 22.15 ? 62  ALA A CB  1 
ATOM   478 N N   . GLU A 1 63 ? -7.660  12.263  1.955   1.00 27.42 ? 63  GLU A N   1 
ATOM   479 C CA  . GLU A 1 63 ? -7.183  11.520  3.115   1.00 25.33 ? 63  GLU A CA  1 
ATOM   480 C C   . GLU A 1 63 ? -7.478  10.043  2.879   1.00 21.35 ? 63  GLU A C   1 
ATOM   481 O O   . GLU A 1 63 ? -8.511  9.697   2.296   1.00 23.12 ? 63  GLU A O   1 
ATOM   482 C CB  . GLU A 1 63 ? -7.823  12.038  4.404   1.00 26.07 ? 63  GLU A CB  1 
ATOM   483 C CG  . GLU A 1 63 ? -9.228  11.527  4.682   1.00 43.07 ? 63  GLU A CG  1 
ATOM   484 C CD  . GLU A 1 63 ? -10.032 12.445  5.607   1.00 59.88 ? 63  GLU A CD  1 
ATOM   485 O OE1 . GLU A 1 63 ? -9.513  13.528  5.988   1.00 53.08 ? 63  GLU A OE1 1 
ATOM   486 O OE2 . GLU A 1 63 ? -11.177 12.064  5.968   1.00 61.94 ? 63  GLU A OE2 1 
ATOM   487 N N   . ILE A 1 64 ? -6.542  9.178   3.269   1.00 19.33 ? 64  ILE A N   1 
ATOM   488 C CA  . ILE A 1 64 ? -6.567  7.770   2.885   1.00 19.49 ? 64  ILE A CA  1 
ATOM   489 C C   . ILE A 1 64 ? -6.247  6.917   4.106   1.00 23.52 ? 64  ILE A C   1 
ATOM   490 O O   . ILE A 1 64 ? -5.149  7.023   4.671   1.00 21.92 ? 64  ILE A O   1 
ATOM   491 C CB  . ILE A 1 64 ? -5.582  7.459   1.742   1.00 19.92 ? 64  ILE A CB  1 
ATOM   492 C CG1 . ILE A 1 64 ? -5.764  8.444   0.566   1.00 18.61 ? 64  ILE A CG1 1 
ATOM   493 C CG2 . ILE A 1 64 ? -5.740  6.017   1.284   1.00 17.53 ? 64  ILE A CG2 1 
ATOM   494 C CD1 . ILE A 1 64 ? -4.745  8.270   -0.554  1.00 11.55 ? 64  ILE A CD1 1 
ATOM   495 N N   . GLU A 1 65 ? -7.213  6.086   4.514   1.00 26.97 ? 65  GLU A N   1 
ATOM   496 C CA  . GLU A 1 65 ? -7.037  5.041   5.519   1.00 19.34 ? 65  GLU A CA  1 
ATOM   497 C C   . GLU A 1 65 ? -6.658  3.752   4.794   1.00 19.51 ? 65  GLU A C   1 
ATOM   498 O O   . GLU A 1 65 ? -7.362  3.345   3.861   1.00 17.59 ? 65  GLU A O   1 
ATOM   499 C CB  . GLU A 1 65 ? -8.341  4.825   6.292   1.00 20.89 ? 65  GLU A CB  1 
ATOM   500 C CG  . GLU A 1 65 ? -9.044  6.105   6.753   1.00 39.26 ? 65  GLU A CG  1 
ATOM   501 C CD  . GLU A 1 65 ? -10.392 6.370   6.015   1.00 53.97 ? 65  GLU A CD  1 
ATOM   502 O OE1 . GLU A 1 65 ? -10.385 6.982   4.895   1.00 34.24 ? 65  GLU A OE1 1 
ATOM   503 O OE2 . GLU A 1 65 ? -11.457 5.943   6.557   1.00 42.39 ? 65  GLU A OE2 1 
ATOM   504 N N   . TYR A 1 66 ? -5.563  3.105   5.211   1.00 18.00 ? 66  TYR A N   1 
ATOM   505 C CA  . TYR A 1 66 ? -5.173  1.876   4.517   1.00 20.91 ? 66  TYR A CA  1 
ATOM   506 C C   . TYR A 1 66 ? -4.426  0.912   5.427   1.00 19.09 ? 66  TYR A C   1 
ATOM   507 O O   . TYR A 1 66 ? -3.853  1.303   6.448   1.00 19.88 ? 66  TYR A O   1 
ATOM   508 C CB  . TYR A 1 66 ? -4.312  2.152   3.272   1.00 17.90 ? 66  TYR A CB  1 
ATOM   509 C CG  . TYR A 1 66 ? -2.986  2.856   3.518   1.00 17.12 ? 66  TYR A CG  1 
ATOM   510 C CD1 . TYR A 1 66 ? -2.949  4.213   3.838   1.00 18.45 ? 66  TYR A CD1 1 
ATOM   511 C CD2 . TYR A 1 66 ? -1.767  2.175   3.388   1.00 12.28 ? 66  TYR A CD2 1 
ATOM   512 C CE1 . TYR A 1 66 ? -1.742  4.871   4.045   1.00 14.12 ? 66  TYR A CE1 1 
ATOM   513 C CE2 . TYR A 1 66 ? -0.559  2.823   3.583   1.00 9.41  ? 66  TYR A CE2 1 
ATOM   514 C CZ  . TYR A 1 66 ? -0.559  4.174   3.917   1.00 13.09 ? 66  TYR A CZ  1 
ATOM   515 O OH  . TYR A 1 66 ? 0.610   4.852   4.122   1.00 12.91 ? 66  TYR A OH  1 
ATOM   516 N N   . PHE A 1 67 ? -4.447  -0.359  5.023   1.00 15.70 ? 67  PHE A N   1 
ATOM   517 C CA  . PHE A 1 67 ? -3.596  -1.384  5.611   1.00 16.77 ? 67  PHE A CA  1 
ATOM   518 C C   . PHE A 1 67 ? -3.282  -2.433  4.559   1.00 16.42 ? 67  PHE A C   1 
ATOM   519 O O   . PHE A 1 67 ? -3.981  -2.576  3.551   1.00 17.74 ? 67  PHE A O   1 
ATOM   520 C CB  . PHE A 1 67 ? -4.221  -2.040  6.862   1.00 19.83 ? 67  PHE A CB  1 
ATOM   521 C CG  . PHE A 1 67 ? -5.427  -2.917  6.581   1.00 18.55 ? 67  PHE A CG  1 
ATOM   522 C CD1 . PHE A 1 67 ? -5.317  -4.308  6.582   1.00 14.36 ? 67  PHE A CD1 1 
ATOM   523 C CD2 . PHE A 1 67 ? -6.676  -2.347  6.351   1.00 16.47 ? 67  PHE A CD2 1 
ATOM   524 C CE1 . PHE A 1 67 ? -6.425  -5.106  6.345   1.00 11.89 ? 67  PHE A CE1 1 
ATOM   525 C CE2 . PHE A 1 67 ? -7.787  -3.141  6.113   1.00 15.25 ? 67  PHE A CE2 1 
ATOM   526 C CZ  . PHE A 1 67 ? -7.661  -4.523  6.103   1.00 14.49 ? 67  PHE A CZ  1 
ATOM   527 N N   . PHE A 1 68 ? -2.202  -3.156  4.799   1.00 17.37 ? 68  PHE A N   1 
ATOM   528 C CA  . PHE A 1 68 ? -1.694  -4.165  3.886   1.00 17.49 ? 68  PHE A CA  1 
ATOM   529 C C   . PHE A 1 68 ? -1.983  -5.556  4.435   1.00 18.18 ? 68  PHE A C   1 
ATOM   530 O O   . PHE A 1 68 ? -2.014  -5.774  5.651   1.00 20.67 ? 68  PHE A O   1 
ATOM   531 C CB  . PHE A 1 68 ? -0.181  -4.008  3.690   1.00 15.25 ? 68  PHE A CB  1 
ATOM   532 C CG  . PHE A 1 68 ? 0.236   -2.664  3.156   1.00 16.55 ? 68  PHE A CG  1 
ATOM   533 C CD1 . PHE A 1 68 ? 0.790   -1.706  3.998   1.00 13.41 ? 68  PHE A CD1 1 
ATOM   534 C CD2 . PHE A 1 68 ? 0.119   -2.369  1.800   1.00 13.27 ? 68  PHE A CD2 1 
ATOM   535 C CE1 . PHE A 1 68 ? 1.195   -0.478  3.506   1.00 12.45 ? 68  PHE A CE1 1 
ATOM   536 C CE2 . PHE A 1 68 ? 0.522   -1.130  1.300   1.00 11.05 ? 68  PHE A CE2 1 
ATOM   537 C CZ  . PHE A 1 68 ? 1.051   -0.183  2.148   1.00 10.33 ? 68  PHE A CZ  1 
ATOM   538 N N   . THR A 1 69 ? -2.172  -6.504  3.532   1.00 17.19 ? 69  THR A N   1 
ATOM   539 C CA  . THR A 1 69 ? -2.100  -7.917  3.878   1.00 20.82 ? 69  THR A CA  1 
ATOM   540 C C   . THR A 1 69 ? -1.036  -8.566  3.002   1.00 20.90 ? 69  THR A C   1 
ATOM   541 O O   . THR A 1 69 ? -0.985  -8.332  1.786   1.00 19.15 ? 69  THR A O   1 
ATOM   542 C CB  . THR A 1 69 ? -3.463  -8.621  3.747   1.00 15.62 ? 69  THR A CB  1 
ATOM   543 O OG1 . THR A 1 69 ? -3.302  -10.026 3.975   1.00 21.05 ? 69  THR A OG1 1 
ATOM   544 C CG2 . THR A 1 69 ? -4.024  -8.449  2.402   1.00 18.44 ? 69  THR A CG2 1 
ATOM   545 N N   . TYR A 1 70 ? -0.163  -9.349  3.630   1.00 20.30 ? 70  TYR A N   1 
ATOM   546 C CA  . TYR A 1 70 ? 1.036   -9.842  2.977   1.00 22.55 ? 70  TYR A CA  1 
ATOM   547 C C   . TYR A 1 70 ? 1.352   -11.241 3.484   1.00 21.63 ? 70  TYR A C   1 
ATOM   548 O O   . TYR A 1 70 ? 0.939   -11.636 4.574   1.00 21.75 ? 70  TYR A O   1 
ATOM   549 C CB  . TYR A 1 70 ? 2.225   -8.896  3.221   1.00 16.59 ? 70  TYR A CB  1 
ATOM   550 C CG  . TYR A 1 70 ? 2.659   -8.812  4.664   1.00 19.82 ? 70  TYR A CG  1 
ATOM   551 C CD1 . TYR A 1 70 ? 3.743   -9.569  5.138   1.00 24.75 ? 70  TYR A CD1 1 
ATOM   552 C CD2 . TYR A 1 70 ? 2.004   -7.978  5.559   1.00 17.96 ? 70  TYR A CD2 1 
ATOM   553 C CE1 . TYR A 1 70 ? 4.157   -9.493  6.473   1.00 20.91 ? 70  TYR A CE1 1 
ATOM   554 C CE2 . TYR A 1 70 ? 2.412   -7.895  6.896   1.00 21.11 ? 70  TYR A CE2 1 
ATOM   555 C CZ  . TYR A 1 70 ? 3.485   -8.658  7.342   1.00 23.66 ? 70  TYR A CZ  1 
ATOM   556 O OH  . TYR A 1 70 ? 3.877   -8.576  8.657   1.00 34.06 ? 70  TYR A OH  1 
ATOM   557 N N   . ASN A 1 71 ? 2.102   -11.986 2.681   1.00 31.49 ? 71  ASN A N   1 
ATOM   558 C CA  . ASN A 1 71 ? 2.541   -13.325 3.042   1.00 38.44 ? 71  ASN A CA  1 
ATOM   559 C C   . ASN A 1 71 ? 4.021   -13.325 3.412   1.00 35.75 ? 71  ASN A C   1 
ATOM   560 O O   . ASN A 1 71 ? 4.810   -12.520 2.920   1.00 42.87 ? 71  ASN A O   1 
ATOM   561 C CB  . ASN A 1 71 ? 2.301   -14.309 1.893   1.00 41.63 ? 71  ASN A CB  1 
ATOM   562 C CG  . ASN A 1 71 ? 3.428   -14.297 0.890   1.00 44.96 ? 71  ASN A CG  1 
ATOM   563 O OD1 . ASN A 1 71 ? 3.918   -13.233 0.510   1.00 46.35 ? 71  ASN A OD1 1 
ATOM   564 N ND2 . ASN A 1 71 ? 3.864   -15.477 0.465   1.00 50.32 ? 71  ASN A ND2 1 
ATOM   565 N N   . ASN A 1 72 ? 4.392   -14.227 4.313   1.00 36.84 ? 72  ASN A N   1 
ATOM   566 C CA  . ASN A 1 72 ? 5.794   -14.448 4.646   1.00 48.07 ? 72  ASN A CA  1 
ATOM   567 C C   . ASN A 1 72 ? 6.334   -15.715 3.982   1.00 52.70 ? 72  ASN A C   1 
ATOM   568 O O   . ASN A 1 72 ? 7.130   -16.447 4.567   1.00 60.35 ? 72  ASN A O   1 
ATOM   569 C CB  . ASN A 1 72 ? 5.959   -14.521 6.161   1.00 48.50 ? 72  ASN A CB  1 
ATOM   570 C CG  . ASN A 1 72 ? 7.354   -14.142 6.635   1.00 55.87 ? 72  ASN A CG  1 
ATOM   571 O OD1 . ASN A 1 72 ? 8.340   -14.246 5.899   1.00 60.83 ? 72  ASN A OD1 1 
ATOM   572 N ND2 . ASN A 1 72 ? 7.444   -13.721 7.892   1.00 54.56 ? 72  ASN A ND2 1 
ATOM   573 N N   . GLY A 1 73 ? 5.894   -15.996 2.764   1.00 50.11 ? 73  GLY A N   1 
ATOM   574 C CA  . GLY A 1 73 ? 6.322   -17.183 2.046   1.00 47.24 ? 73  GLY A CA  1 
ATOM   575 C C   . GLY A 1 73 ? 5.197   -18.099 1.584   1.00 51.66 ? 73  GLY A C   1 
ATOM   576 O O   . GLY A 1 73 ? 4.194   -18.280 2.272   1.00 45.97 ? 73  GLY A O   1 
ATOM   577 N N   . PRO A 1 75 ? -1.474  -18.311 4.479   1.00 66.05 ? 75  PRO A N   1 
ATOM   578 C CA  . PRO A 1 75 ? -0.602  -17.871 5.575   1.00 58.61 ? 75  PRO A CA  1 
ATOM   579 C C   . PRO A 1 75 ? -0.269  -16.376 5.473   1.00 44.38 ? 75  PRO A C   1 
ATOM   580 O O   . PRO A 1 75 ? 0.840   -16.047 5.048   1.00 49.38 ? 75  PRO A O   1 
ATOM   581 C CB  . PRO A 1 75 ? 0.654   -18.720 5.390   1.00 49.63 ? 75  PRO A CB  1 
ATOM   582 C CG  . PRO A 1 75 ? 0.321   -19.736 4.353   1.00 57.29 ? 75  PRO A CG  1 
ATOM   583 C CD  . PRO A 1 75 ? -0.770  -19.169 3.516   1.00 55.21 ? 75  PRO A CD  1 
ATOM   584 N N   . ALA A 1 76 ? -1.188  -15.494 5.871   1.00 33.29 ? 76  ALA A N   1 
ATOM   585 C CA  . ALA A 1 76 ? -1.067  -14.071 5.588   1.00 28.16 ? 76  ALA A CA  1 
ATOM   586 C C   . ALA A 1 76 ? -1.078  -13.268 6.882   1.00 22.18 ? 76  ALA A C   1 
ATOM   587 O O   . ALA A 1 76 ? -1.431  -13.774 7.952   1.00 22.04 ? 76  ALA A O   1 
ATOM   588 C CB  . ALA A 1 76 ? -2.198  -13.586 4.673   1.00 22.53 ? 76  ALA A CB  1 
ATOM   589 N N   . TYR A 1 77 ? -0.722  -11.984 6.764   1.00 21.34 ? 77  TYR A N   1 
ATOM   590 C CA  . TYR A 1 77 ? -0.527  -11.101 7.908   1.00 18.93 ? 77  TYR A CA  1 
ATOM   591 C C   . TYR A 1 77 ? -1.016  -9.699  7.558   1.00 22.12 ? 77  TYR A C   1 
ATOM   592 O O   . TYR A 1 77 ? -0.783  -9.215  6.447   1.00 20.07 ? 77  TYR A O   1 
ATOM   593 C CB  . TYR A 1 77 ? 0.943   -11.058 8.319   1.00 16.73 ? 77  TYR A CB  1 
ATOM   594 C CG  . TYR A 1 77 ? 1.559   -12.423 8.546   1.00 22.00 ? 77  TYR A CG  1 
ATOM   595 C CD1 . TYR A 1 77 ? 1.505   -13.036 9.790   1.00 21.62 ? 77  TYR A CD1 1 
ATOM   596 C CD2 . TYR A 1 77 ? 2.185   -13.104 7.516   1.00 25.42 ? 77  TYR A CD2 1 
ATOM   597 C CE1 . TYR A 1 77 ? 2.061   -14.271 10.000  1.00 24.11 ? 77  TYR A CE1 1 
ATOM   598 C CE2 . TYR A 1 77 ? 2.738   -14.339 7.713   1.00 31.01 ? 77  TYR A CE2 1 
ATOM   599 C CZ  . TYR A 1 77 ? 2.682   -14.918 8.953   1.00 29.41 ? 77  TYR A CZ  1 
ATOM   600 O OH  . TYR A 1 77 ? 3.249   -16.157 9.122   1.00 42.29 ? 77  TYR A OH  1 
ATOM   601 N N   . ASP A 1 78 ? -1.716  -9.070  8.502   1.00 22.58 ? 78  ASP A N   1 
ATOM   602 C CA  . ASP A 1 78 ? -2.243  -7.725  8.320   1.00 21.60 ? 78  ASP A CA  1 
ATOM   603 C C   . ASP A 1 78 ? -1.395  -6.743  9.107   1.00 18.68 ? 78  ASP A C   1 
ATOM   604 O O   . ASP A 1 78 ? -1.036  -7.011  10.257  1.00 22.31 ? 78  ASP A O   1 
ATOM   605 C CB  . ASP A 1 78 ? -3.689  -7.602  8.793   1.00 21.46 ? 78  ASP A CB  1 
ATOM   606 C CG  . ASP A 1 78 ? -4.633  -8.442  7.991   1.00 19.97 ? 78  ASP A CG  1 
ATOM   607 O OD1 . ASP A 1 78 ? -4.229  -8.983  6.943   1.00 23.85 ? 78  ASP A OD1 1 
ATOM   608 O OD2 . ASP A 1 78 ? -5.802  -8.572  8.412   1.00 29.87 ? 78  ASP A OD2 1 
ATOM   609 N N   . THR A 1 79 ? -1.059  -5.618  8.472   1.00 21.98 ? 79  THR A N   1 
ATOM   610 C CA  . THR A 1 79 ? -0.379  -4.541  9.173   1.00 21.54 ? 79  THR A CA  1 
ATOM   611 C C   . THR A 1 79 ? -1.418  -3.725  9.940   1.00 14.23 ? 79  THR A C   1 
ATOM   612 O O   . THR A 1 79 ? -2.621  -3.785  9.685   1.00 15.24 ? 79  THR A O   1 
ATOM   613 C CB  . THR A 1 79 ? 0.402   -3.634  8.201   1.00 21.02 ? 79  THR A CB  1 
ATOM   614 O OG1 . THR A 1 79 ? -0.515  -2.920  7.350   1.00 30.59 ? 79  THR A OG1 1 
ATOM   615 C CG2 . THR A 1 79 ? 1.317   -4.475  7.301   1.00 21.36 ? 79  THR A CG2 1 
ATOM   616 N N   . THR A 1 80 ? -0.952  -2.931  10.887  1.00 16.09 ? 80  THR A N   1 
ATOM   617 C CA  . THR A 1 80 ? -1.819  -1.926  11.461  1.00 15.73 ? 80  THR A CA  1 
ATOM   618 C C   . THR A 1 80 ? -2.321  -0.988  10.368  1.00 16.38 ? 80  THR A C   1 
ATOM   619 O O   . THR A 1 80 ? -1.891  -1.045  9.212   1.00 13.97 ? 80  THR A O   1 
ATOM   620 C CB  . THR A 1 80 ? -1.086  -1.134  12.540  1.00 19.34 ? 80  THR A CB  1 
ATOM   621 O OG1 . THR A 1 80 ? -2.040  -0.452  13.373  1.00 27.86 ? 80  THR A OG1 1 
ATOM   622 C CG2 . THR A 1 80 ? -0.181  -0.115  11.905  1.00 24.44 ? 80  THR A CG2 1 
ATOM   623 N N   . THR A 1 81 ? -3.248  -0.119  10.744  1.00 14.05 ? 81  THR A N   1 
ATOM   624 C CA  . THR A 1 81 ? -3.828  0.832   9.818   1.00 14.55 ? 81  THR A CA  1 
ATOM   625 C C   . THR A 1 81 ? -2.980  2.093   9.797   1.00 17.71 ? 81  THR A C   1 
ATOM   626 O O   . THR A 1 81 ? -2.604  2.608   10.852  1.00 23.47 ? 81  THR A O   1 
ATOM   627 C CB  . THR A 1 81 ? -5.260  1.156   10.225  1.00 18.44 ? 81  THR A CB  1 
ATOM   628 O OG1 . THR A 1 81 ? -6.057  -0.038  10.127  1.00 18.38 ? 81  THR A OG1 1 
ATOM   629 C CG2 . THR A 1 81 ? -5.822  2.253   9.327   1.00 17.87 ? 81  THR A CG2 1 
ATOM   630 N N   . PHE A 1 82 ? -2.686  2.582   8.600   1.00 16.10 ? 82  PHE A N   1 
ATOM   631 C CA  . PHE A 1 82 ? -1.937  3.807   8.380   1.00 17.53 ? 82  PHE A CA  1 
ATOM   632 C C   . PHE A 1 82 ? -2.849  4.872   7.776   1.00 20.22 ? 82  PHE A C   1 
ATOM   633 O O   . PHE A 1 82 ? -3.914  4.583   7.226   1.00 17.93 ? 82  PHE A O   1 
ATOM   634 C CB  . PHE A 1 82 ? -0.760  3.540   7.447   1.00 15.90 ? 82  PHE A CB  1 
ATOM   635 C CG  . PHE A 1 82 ? 0.117   2.427   7.900   1.00 18.50 ? 82  PHE A CG  1 
ATOM   636 C CD1 . PHE A 1 82 ? 0.979   2.606   8.965   1.00 16.60 ? 82  PHE A CD1 1 
ATOM   637 C CD2 . PHE A 1 82 ? 0.056   1.182   7.288   1.00 17.98 ? 82  PHE A CD2 1 
ATOM   638 C CE1 . PHE A 1 82 ? 1.779   1.586   9.399   1.00 18.12 ? 82  PHE A CE1 1 
ATOM   639 C CE2 . PHE A 1 82 ? 0.864   0.152   7.728   1.00 21.25 ? 82  PHE A CE2 1 
ATOM   640 C CZ  . PHE A 1 82 ? 1.726   0.360   8.790   1.00 16.28 ? 82  PHE A CZ  1 
ATOM   641 N N   . THR A 1 83 ? -2.436  6.126   7.911   1.00 23.38 ? 83  THR A N   1 
ATOM   642 C CA  . THR A 1 83 ? -3.146  7.238   7.298   1.00 22.32 ? 83  THR A CA  1 
ATOM   643 C C   . THR A 1 83 ? -2.215  7.988   6.365   1.00 20.36 ? 83  THR A C   1 
ATOM   644 O O   . THR A 1 83 ? -1.040  8.205   6.674   1.00 25.94 ? 83  THR A O   1 
ATOM   645 C CB  . THR A 1 83 ? -3.725  8.241   8.324   1.00 29.82 ? 83  THR A CB  1 
ATOM   646 O OG1 . THR A 1 83 ? -4.385  9.302   7.617   1.00 34.58 ? 83  THR A OG1 1 
ATOM   647 C CG2 . THR A 1 83 ? -2.631  8.847   9.190   1.00 35.19 ? 83  THR A CG2 1 
ATOM   648 N N   . TYR A 1 84 ? -2.749  8.358   5.215   1.00 25.57 ? 84  TYR A N   1 
ATOM   649 C CA  . TYR A 1 84 ? -2.155  9.378   4.367   1.00 21.40 ? 84  TYR A CA  1 
ATOM   650 C C   . TYR A 1 84 ? -2.991  10.648  4.507   1.00 24.80 ? 84  TYR A C   1 
ATOM   651 O O   . TYR A 1 84 ? -4.200  10.634  4.261   1.00 23.30 ? 84  TYR A O   1 
ATOM   652 C CB  . TYR A 1 84 ? -2.104  8.943   2.909   1.00 18.81 ? 84  TYR A CB  1 
ATOM   653 C CG  . TYR A 1 84 ? -1.723  10.111  2.034   1.00 20.92 ? 84  TYR A CG  1 
ATOM   654 C CD1 . TYR A 1 84 ? -0.401  10.500  1.920   1.00 18.48 ? 84  TYR A CD1 1 
ATOM   655 C CD2 . TYR A 1 84 ? -2.681  10.845  1.356   1.00 17.03 ? 84  TYR A CD2 1 
ATOM   656 C CE1 . TYR A 1 84 ? -0.035  11.565  1.138   1.00 18.88 ? 84  TYR A CE1 1 
ATOM   657 C CE2 . TYR A 1 84 ? -2.327  11.926  0.575   1.00 22.27 ? 84  TYR A CE2 1 
ATOM   658 C CZ  . TYR A 1 84 ? -0.998  12.278  0.469   1.00 17.46 ? 84  TYR A CZ  1 
ATOM   659 O OH  . TYR A 1 84 ? -0.622  13.341  -0.301  1.00 16.44 ? 84  TYR A OH  1 
ATOM   660 N N   . ARG A 1 85 ? -2.324  11.735  4.860   1.00 29.98 ? 85  ARG A N   1 
ATOM   661 C CA  . ARG A 1 85 ? -2.959  12.968  5.303   1.00 35.00 ? 85  ARG A CA  1 
ATOM   662 C C   . ARG A 1 85 ? -4.021  13.508  4.371   1.00 43.32 ? 85  ARG A C   1 
ATOM   663 O O   . ARG A 1 85 ? -4.920  14.197  4.818   1.00 54.32 ? 85  ARG A O   1 
ATOM   664 C CB  . ARG A 1 85 ? -1.876  14.027  5.527   1.00 38.72 ? 85  ARG A CB  1 
ATOM   665 C CG  . ARG A 1 85 ? -0.985  14.339  4.327   1.00 40.03 ? 85  ARG A CG  1 
ATOM   666 C CD  . ARG A 1 85 ? -1.606  15.300  3.282   1.00 39.80 ? 85  ARG A CD  1 
ATOM   667 N NE  . ARG A 1 85 ? -2.417  16.349  3.908   1.00 43.29 ? 85  ARG A NE  1 
ATOM   668 C CZ  . ARG A 1 85 ? -1.944  17.310  4.702   1.00 41.93 ? 85  ARG A CZ  1 
ATOM   669 N NH1 . ARG A 1 85 ? -0.645  17.392  4.975   1.00 35.95 ? 85  ARG A NH1 1 
ATOM   670 N NH2 . ARG A 1 85 ? -2.780  18.193  5.230   1.00 41.28 ? 85  ARG A NH2 1 
HETATM 671 O O   . HOH B 2 .  ? -4.483  14.875  1.487   1.00 30.58 ? 101 HOH A O   1 
HETATM 672 O O   . HOH B 2 .  ? -16.527 -0.263  3.160   1.00 20.20 ? 102 HOH A O   1 
# 
loop_
_pdbx_poly_seq_scheme.asym_id 
_pdbx_poly_seq_scheme.entity_id 
_pdbx_poly_seq_scheme.seq_id 
_pdbx_poly_seq_scheme.mon_id 
_pdbx_poly_seq_scheme.ndb_seq_num 
_pdbx_poly_seq_scheme.pdb_seq_num 
_pdbx_poly_seq_scheme.auth_seq_num 
_pdbx_poly_seq_scheme.pdb_mon_id 
_pdbx_poly_seq_scheme.auth_mon_id 
_pdbx_poly_seq_scheme.pdb_strand_id 
_pdbx_poly_seq_scheme.pdb_ins_code 
_pdbx_poly_seq_scheme.hetero 
A 1 1  ALA 1  1  1  ALA ALA A . n 
A 1 2  ASP 2  2  2  ASP ASP A . n 
A 1 3  PHE 3  3  3  PHE PHE A . n 
A 1 4  THR 4  4  4  THR THR A . n 
A 1 5  GLN 5  5  5  GLN GLN A . n 
A 1 6  GLY 6  6  6  GLY GLY A . n 
A 1 7  ALA 7  7  7  ALA ALA A . n 
A 1 8  ASP 8  8  8  ASP ASP A . n 
A 1 9  VAL 9  9  9  VAL VAL A . n 
A 1 10 SER 10 10 10 SER SER A . n 
A 1 11 GLY 11 11 11 GLY GLY A . n 
A 1 12 ASN 12 12 12 ASN ASN A . n 
A 1 13 ASN 13 13 13 ASN ASN A . n 
A 1 14 VAL 14 14 14 VAL VAL A . n 
A 1 15 THR 15 15 15 THR THR A . n 
A 1 16 LEU 16 16 16 LEU LEU A . n 
A 1 17 TRP 17 17 17 TRP TRP A . n 
A 1 18 PHE 18 18 18 PHE PHE A . n 
A 1 19 LYS 19 19 19 LYS LYS A . n 
A 1 20 SER 20 20 20 SER SER A . n 
A 1 21 SER 21 21 21 SER SER A . n 
A 1 22 VAL 22 22 22 VAL VAL A . n 
A 1 23 ASN 23 23 23 ASN ASN A . n 
A 1 24 THR 24 24 24 THR THR A . n 
A 1 25 THR 25 25 25 THR THR A . n 
A 1 26 TRP 26 26 26 TRP TRP A . n 
A 1 27 VAL 27 27 27 VAL VAL A . n 
A 1 28 ASP 28 28 28 ASP ASP A . n 
A 1 29 VAL 29 29 29 VAL VAL A . n 
A 1 30 HIS 30 30 30 HIS HIS A . n 
A 1 31 TYR 31 31 31 TYR TYR A . n 
A 1 32 LYS 32 32 32 LYS LYS A . n 
A 1 33 VAL 33 33 33 VAL VAL A . n 
A 1 34 ASN 34 34 34 ASN ASN A . n 
A 1 35 SER 35 35 35 SER SER A . n 
A 1 36 GLY 36 36 36 GLY GLY A . n 
A 1 37 VAL 37 37 37 VAL VAL A . n 
A 1 38 GLN 38 38 38 GLN GLN A . n 
A 1 39 GLN 39 39 39 GLN GLN A . n 
A 1 40 ASN 40 40 40 ASN ASN A . n 
A 1 41 VAL 41 41 41 VAL VAL A . n 
A 1 42 ARG 42 42 42 ARG ARG A . n 
A 1 43 MET 43 43 43 MET MET A . n 
A 1 44 SER 44 44 44 SER SER A . n 
A 1 45 PHE 45 45 45 PHE PHE A . n 
A 1 46 ASN 46 46 46 ASN ASN A . n 
A 1 47 ALA 47 47 47 ALA ALA A . n 
A 1 48 GLY 48 48 48 GLY GLY A . n 
A 1 49 ALA 49 49 49 ALA ALA A . n 
A 1 50 ALA 50 50 50 ALA ALA A . n 
A 1 51 ARG 51 51 51 ARG ARG A . n 
A 1 52 PHE 52 52 52 PHE PHE A . n 
A 1 53 GLU 53 53 53 GLU GLU A . n 
A 1 54 HIS 54 54 54 HIS HIS A . n 
A 1 55 THR 55 55 55 THR THR A . n 
A 1 56 ILE 56 56 56 ILE ILE A . n 
A 1 57 LEU 57 57 57 LEU LEU A . n 
A 1 58 THR 58 58 58 THR THR A . n 
A 1 59 ALA 59 59 59 ALA ALA A . n 
A 1 60 ALA 60 60 60 ALA ALA A . n 
A 1 61 GLN 61 61 61 GLN GLN A . n 
A 1 62 ALA 62 62 62 ALA ALA A . n 
A 1 63 GLU 63 63 63 GLU GLU A . n 
A 1 64 ILE 64 64 64 ILE ILE A . n 
A 1 65 GLU 65 65 65 GLU GLU A . n 
A 1 66 TYR 66 66 66 TYR TYR A . n 
A 1 67 PHE 67 67 67 PHE PHE A . n 
A 1 68 PHE 68 68 68 PHE PHE A . n 
A 1 69 THR 69 69 69 THR THR A . n 
A 1 70 TYR 70 70 70 TYR TYR A . n 
A 1 71 ASN 71 71 71 ASN ASN A . n 
A 1 72 ASN 72 72 72 ASN ASN A . n 
A 1 73 GLY 73 73 73 GLY GLY A . n 
A 1 74 VAL 74 74 ?  ?   ?   A . n 
A 1 75 PRO 75 75 75 PRO PRO A . n 
A 1 76 ALA 76 76 76 ALA ALA A . n 
A 1 77 TYR 77 77 77 TYR TYR A . n 
A 1 78 ASP 78 78 78 ASP ASP A . n 
A 1 79 THR 79 79 79 THR THR A . n 
A 1 80 THR 80 80 80 THR THR A . n 
A 1 81 THR 81 81 81 THR THR A . n 
A 1 82 PHE 82 82 82 PHE PHE A . n 
A 1 83 THR 83 83 83 THR THR A . n 
A 1 84 TYR 84 84 84 TYR TYR A . n 
A 1 85 ARG 85 85 85 ARG ARG A . n 
# 
loop_
_pdbx_nonpoly_scheme.asym_id 
_pdbx_nonpoly_scheme.entity_id 
_pdbx_nonpoly_scheme.mon_id 
_pdbx_nonpoly_scheme.ndb_seq_num 
_pdbx_nonpoly_scheme.pdb_seq_num 
_pdbx_nonpoly_scheme.auth_seq_num 
_pdbx_nonpoly_scheme.pdb_mon_id 
_pdbx_nonpoly_scheme.auth_mon_id 
_pdbx_nonpoly_scheme.pdb_strand_id 
_pdbx_nonpoly_scheme.pdb_ins_code 
B 2 HOH 1 101 3 HOH HOH A . 
B 2 HOH 2 102 4 HOH HOH A . 
# 
_pdbx_struct_assembly.id                   1 
_pdbx_struct_assembly.details              author_defined_assembly 
_pdbx_struct_assembly.method_details       ? 
_pdbx_struct_assembly.oligomeric_details   monomeric 
_pdbx_struct_assembly.oligomeric_count     1 
# 
_pdbx_struct_assembly_gen.assembly_id       1 
_pdbx_struct_assembly_gen.oper_expression   1 
_pdbx_struct_assembly_gen.asym_id_list      A,B 
# 
_pdbx_struct_oper_list.id                   1 
_pdbx_struct_oper_list.type                 'identity operation' 
_pdbx_struct_oper_list.name                 1_555 
_pdbx_struct_oper_list.symmetry_operation   x,y,z 
_pdbx_struct_oper_list.matrix[1][1]         1.0000000000 
_pdbx_struct_oper_list.matrix[1][2]         0.0000000000 
_pdbx_struct_oper_list.matrix[1][3]         0.0000000000 
_pdbx_struct_oper_list.vector[1]            0.0000000000 
_pdbx_struct_oper_list.matrix[2][1]         0.0000000000 
_pdbx_struct_oper_list.matrix[2][2]         1.0000000000 
_pdbx_struct_oper_list.matrix[2][3]         0.0000000000 
_pdbx_struct_oper_list.vector[2]            0.0000000000 
_pdbx_struct_oper_list.matrix[3][1]         0.0000000000 
_pdbx_struct_oper_list.matrix[3][2]         0.0000000000 
_pdbx_struct_oper_list.matrix[3][3]         1.0000000000 
_pdbx_struct_oper_list.vector[3]            0.0000000000 
# 
loop_
_pdbx_audit_revision_history.ordinal 
_pdbx_audit_revision_history.data_content_type 
_pdbx_audit_revision_history.major_revision 
_pdbx_audit_revision_history.minor_revision 
_pdbx_audit_revision_history.revision_date 
1 'Structure model' 1 0 2019-07-03 
2 'Structure model' 1 1 2023-11-22 
# 
_pdbx_audit_revision_details.ordinal             1 
_pdbx_audit_revision_details.revision_ordinal    1 
_pdbx_audit_revision_details.data_content_type   'Structure model' 
_pdbx_audit_revision_details.provider            repository 
_pdbx_audit_revision_details.type                'Initial release' 
_pdbx_audit_revision_details.description         ? 
_pdbx_audit_revision_details.details             ? 
# 
loop_
_pdbx_audit_revision_group.ordinal 
_pdbx_audit_revision_group.revision_ordinal 
_pdbx_audit_revision_group.data_content_type 
_pdbx_audit_revision_group.group 
1 2 'Structure model' 'Data collection'        
2 2 'Structure model' 'Database references'    
3 2 'Structure model' 'Refinement description' 
# 
loop_
_pdbx_audit_revision_category.ordinal 
_pdbx_audit_revision_category.revision_ordinal 
_pdbx_audit_revision_category.data_content_type 
_pdbx_audit_revision_category.category 
1 2 'Structure model' chem_comp_atom                
2 2 'Structure model' chem_comp_bond                
3 2 'Structure model' database_2                    
4 2 'Structure model' pdbx_initial_refinement_model 
# 
loop_
_pdbx_audit_revision_item.ordinal 
_pdbx_audit_revision_item.revision_ordinal 
_pdbx_audit_revision_item.data_content_type 
_pdbx_audit_revision_item.item 
1 2 'Structure model' '_database_2.pdbx_DOI'                
2 2 'Structure model' '_database_2.pdbx_database_accession' 
# 
loop_
_software.citation_id 
_software.classification 
_software.compiler_name 
_software.compiler_version 
_software.contact_author 
_software.contact_author_email 
_software.date 
_software.description 
_software.dependencies 
_software.hardware 
_software.language 
_software.location 
_software.mods 
_software.name 
_software.os 
_software.os_version 
_software.type 
_software.version 
_software.pdbx_ordinal 
? refinement       ? ? ? ? ? ? ? ? ? ? ? PHENIX   ? ? ? '(1.12_2829: ???)' 1 
? 'data reduction' ? ? ? ? ? ? ? ? ? ? ? HKL-3000 ? ? ? .                  2 
? 'data scaling'   ? ? ? ? ? ? ? ? ? ? ? HKL-3000 ? ? ? .                  3 
? phasing          ? ? ? ? ? ? ? ? ? ? ? PHENIX   ? ? ? .                  4 
# 
loop_
_pdbx_validate_torsion.id 
_pdbx_validate_torsion.PDB_model_num 
_pdbx_validate_torsion.auth_comp_id 
_pdbx_validate_torsion.auth_asym_id 
_pdbx_validate_torsion.auth_seq_id 
_pdbx_validate_torsion.PDB_ins_code 
_pdbx_validate_torsion.label_alt_id 
_pdbx_validate_torsion.phi 
_pdbx_validate_torsion.psi 
1 1 VAL A 22 ? ? -116.35 -167.51 
2 1 THR A 80 ? ? -58.54  172.47  
# 
_pdbx_unobs_or_zero_occ_residues.id               1 
_pdbx_unobs_or_zero_occ_residues.PDB_model_num    1 
_pdbx_unobs_or_zero_occ_residues.polymer_flag     Y 
_pdbx_unobs_or_zero_occ_residues.occupancy_flag   1 
_pdbx_unobs_or_zero_occ_residues.auth_asym_id     A 
_pdbx_unobs_or_zero_occ_residues.auth_comp_id     VAL 
_pdbx_unobs_or_zero_occ_residues.auth_seq_id      74 
_pdbx_unobs_or_zero_occ_residues.PDB_ins_code     ? 
_pdbx_unobs_or_zero_occ_residues.label_asym_id    A 
_pdbx_unobs_or_zero_occ_residues.label_comp_id    VAL 
_pdbx_unobs_or_zero_occ_residues.label_seq_id     74 
# 
loop_
_chem_comp_atom.comp_id 
_chem_comp_atom.atom_id 
_chem_comp_atom.type_symbol 
_chem_comp_atom.pdbx_aromatic_flag 
_chem_comp_atom.pdbx_stereo_config 
_chem_comp_atom.pdbx_ordinal 
ALA N    N N N 1   
ALA CA   C N S 2   
ALA C    C N N 3   
ALA O    O N N 4   
ALA CB   C N N 5   
ALA OXT  O N N 6   
ALA H    H N N 7   
ALA H2   H N N 8   
ALA HA   H N N 9   
ALA HB1  H N N 10  
ALA HB2  H N N 11  
ALA HB3  H N N 12  
ALA HXT  H N N 13  
ARG N    N N N 14  
ARG CA   C N S 15  
ARG C    C N N 16  
ARG O    O N N 17  
ARG CB   C N N 18  
ARG CG   C N N 19  
ARG CD   C N N 20  
ARG NE   N N N 21  
ARG CZ   C N N 22  
ARG NH1  N N N 23  
ARG NH2  N N N 24  
ARG OXT  O N N 25  
ARG H    H N N 26  
ARG H2   H N N 27  
ARG HA   H N N 28  
ARG HB2  H N N 29  
ARG HB3  H N N 30  
ARG HG2  H N N 31  
ARG HG3  H N N 32  
ARG HD2  H N N 33  
ARG HD3  H N N 34  
ARG HE   H N N 35  
ARG HH11 H N N 36  
ARG HH12 H N N 37  
ARG HH21 H N N 38  
ARG HH22 H N N 39  
ARG HXT  H N N 40  
ASN N    N N N 41  
ASN CA   C N S 42  
ASN C    C N N 43  
ASN O    O N N 44  
ASN CB   C N N 45  
ASN CG   C N N 46  
ASN OD1  O N N 47  
ASN ND2  N N N 48  
ASN OXT  O N N 49  
ASN H    H N N 50  
ASN H2   H N N 51  
ASN HA   H N N 52  
ASN HB2  H N N 53  
ASN HB3  H N N 54  
ASN HD21 H N N 55  
ASN HD22 H N N 56  
ASN HXT  H N N 57  
ASP N    N N N 58  
ASP CA   C N S 59  
ASP C    C N N 60  
ASP O    O N N 61  
ASP CB   C N N 62  
ASP CG   C N N 63  
ASP OD1  O N N 64  
ASP OD2  O N N 65  
ASP OXT  O N N 66  
ASP H    H N N 67  
ASP H2   H N N 68  
ASP HA   H N N 69  
ASP HB2  H N N 70  
ASP HB3  H N N 71  
ASP HD2  H N N 72  
ASP HXT  H N N 73  
GLN N    N N N 74  
GLN CA   C N S 75  
GLN C    C N N 76  
GLN O    O N N 77  
GLN CB   C N N 78  
GLN CG   C N N 79  
GLN CD   C N N 80  
GLN OE1  O N N 81  
GLN NE2  N N N 82  
GLN OXT  O N N 83  
GLN H    H N N 84  
GLN H2   H N N 85  
GLN HA   H N N 86  
GLN HB2  H N N 87  
GLN HB3  H N N 88  
GLN HG2  H N N 89  
GLN HG3  H N N 90  
GLN HE21 H N N 91  
GLN HE22 H N N 92  
GLN HXT  H N N 93  
GLU N    N N N 94  
GLU CA   C N S 95  
GLU C    C N N 96  
GLU O    O N N 97  
GLU CB   C N N 98  
GLU CG   C N N 99  
GLU CD   C N N 100 
GLU OE1  O N N 101 
GLU OE2  O N N 102 
GLU OXT  O N N 103 
GLU H    H N N 104 
GLU H2   H N N 105 
GLU HA   H N N 106 
GLU HB2  H N N 107 
GLU HB3  H N N 108 
GLU HG2  H N N 109 
GLU HG3  H N N 110 
GLU HE2  H N N 111 
GLU HXT  H N N 112 
GLY N    N N N 113 
GLY CA   C N N 114 
GLY C    C N N 115 
GLY O    O N N 116 
GLY OXT  O N N 117 
GLY H    H N N 118 
GLY H2   H N N 119 
GLY HA2  H N N 120 
GLY HA3  H N N 121 
GLY HXT  H N N 122 
HIS N    N N N 123 
HIS CA   C N S 124 
HIS C    C N N 125 
HIS O    O N N 126 
HIS CB   C N N 127 
HIS CG   C Y N 128 
HIS ND1  N Y N 129 
HIS CD2  C Y N 130 
HIS CE1  C Y N 131 
HIS NE2  N Y N 132 
HIS OXT  O N N 133 
HIS H    H N N 134 
HIS H2   H N N 135 
HIS HA   H N N 136 
HIS HB2  H N N 137 
HIS HB3  H N N 138 
HIS HD1  H N N 139 
HIS HD2  H N N 140 
HIS HE1  H N N 141 
HIS HE2  H N N 142 
HIS HXT  H N N 143 
HOH O    O N N 144 
HOH H1   H N N 145 
HOH H2   H N N 146 
ILE N    N N N 147 
ILE CA   C N S 148 
ILE C    C N N 149 
ILE O    O N N 150 
ILE CB   C N S 151 
ILE CG1  C N N 152 
ILE CG2  C N N 153 
ILE CD1  C N N 154 
ILE OXT  O N N 155 
ILE H    H N N 156 
ILE H2   H N N 157 
ILE HA   H N N 158 
ILE HB   H N N 159 
ILE HG12 H N N 160 
ILE HG13 H N N 161 
ILE HG21 H N N 162 
ILE HG22 H N N 163 
ILE HG23 H N N 164 
ILE HD11 H N N 165 
ILE HD12 H N N 166 
ILE HD13 H N N 167 
ILE HXT  H N N 168 
LEU N    N N N 169 
LEU CA   C N S 170 
LEU C    C N N 171 
LEU O    O N N 172 
LEU CB   C N N 173 
LEU CG   C N N 174 
LEU CD1  C N N 175 
LEU CD2  C N N 176 
LEU OXT  O N N 177 
LEU H    H N N 178 
LEU H2   H N N 179 
LEU HA   H N N 180 
LEU HB2  H N N 181 
LEU HB3  H N N 182 
LEU HG   H N N 183 
LEU HD11 H N N 184 
LEU HD12 H N N 185 
LEU HD13 H N N 186 
LEU HD21 H N N 187 
LEU HD22 H N N 188 
LEU HD23 H N N 189 
LEU HXT  H N N 190 
LYS N    N N N 191 
LYS CA   C N S 192 
LYS C    C N N 193 
LYS O    O N N 194 
LYS CB   C N N 195 
LYS CG   C N N 196 
LYS CD   C N N 197 
LYS CE   C N N 198 
LYS NZ   N N N 199 
LYS OXT  O N N 200 
LYS H    H N N 201 
LYS H2   H N N 202 
LYS HA   H N N 203 
LYS HB2  H N N 204 
LYS HB3  H N N 205 
LYS HG2  H N N 206 
LYS HG3  H N N 207 
LYS HD2  H N N 208 
LYS HD3  H N N 209 
LYS HE2  H N N 210 
LYS HE3  H N N 211 
LYS HZ1  H N N 212 
LYS HZ2  H N N 213 
LYS HZ3  H N N 214 
LYS HXT  H N N 215 
MET N    N N N 216 
MET CA   C N S 217 
MET C    C N N 218 
MET O    O N N 219 
MET CB   C N N 220 
MET CG   C N N 221 
MET SD   S N N 222 
MET CE   C N N 223 
MET OXT  O N N 224 
MET H    H N N 225 
MET H2   H N N 226 
MET HA   H N N 227 
MET HB2  H N N 228 
MET HB3  H N N 229 
MET HG2  H N N 230 
MET HG3  H N N 231 
MET HE1  H N N 232 
MET HE2  H N N 233 
MET HE3  H N N 234 
MET HXT  H N N 235 
PHE N    N N N 236 
PHE CA   C N S 237 
PHE C    C N N 238 
PHE O    O N N 239 
PHE CB   C N N 240 
PHE CG   C Y N 241 
PHE CD1  C Y N 242 
PHE CD2  C Y N 243 
PHE CE1  C Y N 244 
PHE CE2  C Y N 245 
PHE CZ   C Y N 246 
PHE OXT  O N N 247 
PHE H    H N N 248 
PHE H2   H N N 249 
PHE HA   H N N 250 
PHE HB2  H N N 251 
PHE HB3  H N N 252 
PHE HD1  H N N 253 
PHE HD2  H N N 254 
PHE HE1  H N N 255 
PHE HE2  H N N 256 
PHE HZ   H N N 257 
PHE HXT  H N N 258 
PRO N    N N N 259 
PRO CA   C N S 260 
PRO C    C N N 261 
PRO O    O N N 262 
PRO CB   C N N 263 
PRO CG   C N N 264 
PRO CD   C N N 265 
PRO OXT  O N N 266 
PRO H    H N N 267 
PRO HA   H N N 268 
PRO HB2  H N N 269 
PRO HB3  H N N 270 
PRO HG2  H N N 271 
PRO HG3  H N N 272 
PRO HD2  H N N 273 
PRO HD3  H N N 274 
PRO HXT  H N N 275 
SER N    N N N 276 
SER CA   C N S 277 
SER C    C N N 278 
SER O    O N N 279 
SER CB   C N N 280 
SER OG   O N N 281 
SER OXT  O N N 282 
SER H    H N N 283 
SER H2   H N N 284 
SER HA   H N N 285 
SER HB2  H N N 286 
SER HB3  H N N 287 
SER HG   H N N 288 
SER HXT  H N N 289 
THR N    N N N 290 
THR CA   C N S 291 
THR C    C N N 292 
THR O    O N N 293 
THR CB   C N R 294 
THR OG1  O N N 295 
THR CG2  C N N 296 
THR OXT  O N N 297 
THR H    H N N 298 
THR H2   H N N 299 
THR HA   H N N 300 
THR HB   H N N 301 
THR HG1  H N N 302 
THR HG21 H N N 303 
THR HG22 H N N 304 
THR HG23 H N N 305 
THR HXT  H N N 306 
TRP N    N N N 307 
TRP CA   C N S 308 
TRP C    C N N 309 
TRP O    O N N 310 
TRP CB   C N N 311 
TRP CG   C Y N 312 
TRP CD1  C Y N 313 
TRP CD2  C Y N 314 
TRP NE1  N Y N 315 
TRP CE2  C Y N 316 
TRP CE3  C Y N 317 
TRP CZ2  C Y N 318 
TRP CZ3  C Y N 319 
TRP CH2  C Y N 320 
TRP OXT  O N N 321 
TRP H    H N N 322 
TRP H2   H N N 323 
TRP HA   H N N 324 
TRP HB2  H N N 325 
TRP HB3  H N N 326 
TRP HD1  H N N 327 
TRP HE1  H N N 328 
TRP HE3  H N N 329 
TRP HZ2  H N N 330 
TRP HZ3  H N N 331 
TRP HH2  H N N 332 
TRP HXT  H N N 333 
TYR N    N N N 334 
TYR CA   C N S 335 
TYR C    C N N 336 
TYR O    O N N 337 
TYR CB   C N N 338 
TYR CG   C Y N 339 
TYR CD1  C Y N 340 
TYR CD2  C Y N 341 
TYR CE1  C Y N 342 
TYR CE2  C Y N 343 
TYR CZ   C Y N 344 
TYR OH   O N N 345 
TYR OXT  O N N 346 
TYR H    H N N 347 
TYR H2   H N N 348 
TYR HA   H N N 349 
TYR HB2  H N N 350 
TYR HB3  H N N 351 
TYR HD1  H N N 352 
TYR HD2  H N N 353 
TYR HE1  H N N 354 
TYR HE2  H N N 355 
TYR HH   H N N 356 
TYR HXT  H N N 357 
VAL N    N N N 358 
VAL CA   C N S 359 
VAL C    C N N 360 
VAL O    O N N 361 
VAL CB   C N N 362 
VAL CG1  C N N 363 
VAL CG2  C N N 364 
VAL OXT  O N N 365 
VAL H    H N N 366 
VAL H2   H N N 367 
VAL HA   H N N 368 
VAL HB   H N N 369 
VAL HG11 H N N 370 
VAL HG12 H N N 371 
VAL HG13 H N N 372 
VAL HG21 H N N 373 
VAL HG22 H N N 374 
VAL HG23 H N N 375 
VAL HXT  H N N 376 
# 
loop_
_chem_comp_bond.comp_id 
_chem_comp_bond.atom_id_1 
_chem_comp_bond.atom_id_2 
_chem_comp_bond.value_order 
_chem_comp_bond.pdbx_aromatic_flag 
_chem_comp_bond.pdbx_stereo_config 
_chem_comp_bond.pdbx_ordinal 
ALA N   CA   sing N N 1   
ALA N   H    sing N N 2   
ALA N   H2   sing N N 3   
ALA CA  C    sing N N 4   
ALA CA  CB   sing N N 5   
ALA CA  HA   sing N N 6   
ALA C   O    doub N N 7   
ALA C   OXT  sing N N 8   
ALA CB  HB1  sing N N 9   
ALA CB  HB2  sing N N 10  
ALA CB  HB3  sing N N 11  
ALA OXT HXT  sing N N 12  
ARG N   CA   sing N N 13  
ARG N   H    sing N N 14  
ARG N   H2   sing N N 15  
ARG CA  C    sing N N 16  
ARG CA  CB   sing N N 17  
ARG CA  HA   sing N N 18  
ARG C   O    doub N N 19  
ARG C   OXT  sing N N 20  
ARG CB  CG   sing N N 21  
ARG CB  HB2  sing N N 22  
ARG CB  HB3  sing N N 23  
ARG CG  CD   sing N N 24  
ARG CG  HG2  sing N N 25  
ARG CG  HG3  sing N N 26  
ARG CD  NE   sing N N 27  
ARG CD  HD2  sing N N 28  
ARG CD  HD3  sing N N 29  
ARG NE  CZ   sing N N 30  
ARG NE  HE   sing N N 31  
ARG CZ  NH1  sing N N 32  
ARG CZ  NH2  doub N N 33  
ARG NH1 HH11 sing N N 34  
ARG NH1 HH12 sing N N 35  
ARG NH2 HH21 sing N N 36  
ARG NH2 HH22 sing N N 37  
ARG OXT HXT  sing N N 38  
ASN N   CA   sing N N 39  
ASN N   H    sing N N 40  
ASN N   H2   sing N N 41  
ASN CA  C    sing N N 42  
ASN CA  CB   sing N N 43  
ASN CA  HA   sing N N 44  
ASN C   O    doub N N 45  
ASN C   OXT  sing N N 46  
ASN CB  CG   sing N N 47  
ASN CB  HB2  sing N N 48  
ASN CB  HB3  sing N N 49  
ASN CG  OD1  doub N N 50  
ASN CG  ND2  sing N N 51  
ASN ND2 HD21 sing N N 52  
ASN ND2 HD22 sing N N 53  
ASN OXT HXT  sing N N 54  
ASP N   CA   sing N N 55  
ASP N   H    sing N N 56  
ASP N   H2   sing N N 57  
ASP CA  C    sing N N 58  
ASP CA  CB   sing N N 59  
ASP CA  HA   sing N N 60  
ASP C   O    doub N N 61  
ASP C   OXT  sing N N 62  
ASP CB  CG   sing N N 63  
ASP CB  HB2  sing N N 64  
ASP CB  HB3  sing N N 65  
ASP CG  OD1  doub N N 66  
ASP CG  OD2  sing N N 67  
ASP OD2 HD2  sing N N 68  
ASP OXT HXT  sing N N 69  
GLN N   CA   sing N N 70  
GLN N   H    sing N N 71  
GLN N   H2   sing N N 72  
GLN CA  C    sing N N 73  
GLN CA  CB   sing N N 74  
GLN CA  HA   sing N N 75  
GLN C   O    doub N N 76  
GLN C   OXT  sing N N 77  
GLN CB  CG   sing N N 78  
GLN CB  HB2  sing N N 79  
GLN CB  HB3  sing N N 80  
GLN CG  CD   sing N N 81  
GLN CG  HG2  sing N N 82  
GLN CG  HG3  sing N N 83  
GLN CD  OE1  doub N N 84  
GLN CD  NE2  sing N N 85  
GLN NE2 HE21 sing N N 86  
GLN NE2 HE22 sing N N 87  
GLN OXT HXT  sing N N 88  
GLU N   CA   sing N N 89  
GLU N   H    sing N N 90  
GLU N   H2   sing N N 91  
GLU CA  C    sing N N 92  
GLU CA  CB   sing N N 93  
GLU CA  HA   sing N N 94  
GLU C   O    doub N N 95  
GLU C   OXT  sing N N 96  
GLU CB  CG   sing N N 97  
GLU CB  HB2  sing N N 98  
GLU CB  HB3  sing N N 99  
GLU CG  CD   sing N N 100 
GLU CG  HG2  sing N N 101 
GLU CG  HG3  sing N N 102 
GLU CD  OE1  doub N N 103 
GLU CD  OE2  sing N N 104 
GLU OE2 HE2  sing N N 105 
GLU OXT HXT  sing N N 106 
GLY N   CA   sing N N 107 
GLY N   H    sing N N 108 
GLY N   H2   sing N N 109 
GLY CA  C    sing N N 110 
GLY CA  HA2  sing N N 111 
GLY CA  HA3  sing N N 112 
GLY C   O    doub N N 113 
GLY C   OXT  sing N N 114 
GLY OXT HXT  sing N N 115 
HIS N   CA   sing N N 116 
HIS N   H    sing N N 117 
HIS N   H2   sing N N 118 
HIS CA  C    sing N N 119 
HIS CA  CB   sing N N 120 
HIS CA  HA   sing N N 121 
HIS C   O    doub N N 122 
HIS C   OXT  sing N N 123 
HIS CB  CG   sing N N 124 
HIS CB  HB2  sing N N 125 
HIS CB  HB3  sing N N 126 
HIS CG  ND1  sing Y N 127 
HIS CG  CD2  doub Y N 128 
HIS ND1 CE1  doub Y N 129 
HIS ND1 HD1  sing N N 130 
HIS CD2 NE2  sing Y N 131 
HIS CD2 HD2  sing N N 132 
HIS CE1 NE2  sing Y N 133 
HIS CE1 HE1  sing N N 134 
HIS NE2 HE2  sing N N 135 
HIS OXT HXT  sing N N 136 
HOH O   H1   sing N N 137 
HOH O   H2   sing N N 138 
ILE N   CA   sing N N 139 
ILE N   H    sing N N 140 
ILE N   H2   sing N N 141 
ILE CA  C    sing N N 142 
ILE CA  CB   sing N N 143 
ILE CA  HA   sing N N 144 
ILE C   O    doub N N 145 
ILE C   OXT  sing N N 146 
ILE CB  CG1  sing N N 147 
ILE CB  CG2  sing N N 148 
ILE CB  HB   sing N N 149 
ILE CG1 CD1  sing N N 150 
ILE CG1 HG12 sing N N 151 
ILE CG1 HG13 sing N N 152 
ILE CG2 HG21 sing N N 153 
ILE CG2 HG22 sing N N 154 
ILE CG2 HG23 sing N N 155 
ILE CD1 HD11 sing N N 156 
ILE CD1 HD12 sing N N 157 
ILE CD1 HD13 sing N N 158 
ILE OXT HXT  sing N N 159 
LEU N   CA   sing N N 160 
LEU N   H    sing N N 161 
LEU N   H2   sing N N 162 
LEU CA  C    sing N N 163 
LEU CA  CB   sing N N 164 
LEU CA  HA   sing N N 165 
LEU C   O    doub N N 166 
LEU C   OXT  sing N N 167 
LEU CB  CG   sing N N 168 
LEU CB  HB2  sing N N 169 
LEU CB  HB3  sing N N 170 
LEU CG  CD1  sing N N 171 
LEU CG  CD2  sing N N 172 
LEU CG  HG   sing N N 173 
LEU CD1 HD11 sing N N 174 
LEU CD1 HD12 sing N N 175 
LEU CD1 HD13 sing N N 176 
LEU CD2 HD21 sing N N 177 
LEU CD2 HD22 sing N N 178 
LEU CD2 HD23 sing N N 179 
LEU OXT HXT  sing N N 180 
LYS N   CA   sing N N 181 
LYS N   H    sing N N 182 
LYS N   H2   sing N N 183 
LYS CA  C    sing N N 184 
LYS CA  CB   sing N N 185 
LYS CA  HA   sing N N 186 
LYS C   O    doub N N 187 
LYS C   OXT  sing N N 188 
LYS CB  CG   sing N N 189 
LYS CB  HB2  sing N N 190 
LYS CB  HB3  sing N N 191 
LYS CG  CD   sing N N 192 
LYS CG  HG2  sing N N 193 
LYS CG  HG3  sing N N 194 
LYS CD  CE   sing N N 195 
LYS CD  HD2  sing N N 196 
LYS CD  HD3  sing N N 197 
LYS CE  NZ   sing N N 198 
LYS CE  HE2  sing N N 199 
LYS CE  HE3  sing N N 200 
LYS NZ  HZ1  sing N N 201 
LYS NZ  HZ2  sing N N 202 
LYS NZ  HZ3  sing N N 203 
LYS OXT HXT  sing N N 204 
MET N   CA   sing N N 205 
MET N   H    sing N N 206 
MET N   H2   sing N N 207 
MET CA  C    sing N N 208 
MET CA  CB   sing N N 209 
MET CA  HA   sing N N 210 
MET C   O    doub N N 211 
MET C   OXT  sing N N 212 
MET CB  CG   sing N N 213 
MET CB  HB2  sing N N 214 
MET CB  HB3  sing N N 215 
MET CG  SD   sing N N 216 
MET CG  HG2  sing N N 217 
MET CG  HG3  sing N N 218 
MET SD  CE   sing N N 219 
MET CE  HE1  sing N N 220 
MET CE  HE2  sing N N 221 
MET CE  HE3  sing N N 222 
MET OXT HXT  sing N N 223 
PHE N   CA   sing N N 224 
PHE N   H    sing N N 225 
PHE N   H2   sing N N 226 
PHE CA  C    sing N N 227 
PHE CA  CB   sing N N 228 
PHE CA  HA   sing N N 229 
PHE C   O    doub N N 230 
PHE C   OXT  sing N N 231 
PHE CB  CG   sing N N 232 
PHE CB  HB2  sing N N 233 
PHE CB  HB3  sing N N 234 
PHE CG  CD1  doub Y N 235 
PHE CG  CD2  sing Y N 236 
PHE CD1 CE1  sing Y N 237 
PHE CD1 HD1  sing N N 238 
PHE CD2 CE2  doub Y N 239 
PHE CD2 HD2  sing N N 240 
PHE CE1 CZ   doub Y N 241 
PHE CE1 HE1  sing N N 242 
PHE CE2 CZ   sing Y N 243 
PHE CE2 HE2  sing N N 244 
PHE CZ  HZ   sing N N 245 
PHE OXT HXT  sing N N 246 
PRO N   CA   sing N N 247 
PRO N   CD   sing N N 248 
PRO N   H    sing N N 249 
PRO CA  C    sing N N 250 
PRO CA  CB   sing N N 251 
PRO CA  HA   sing N N 252 
PRO C   O    doub N N 253 
PRO C   OXT  sing N N 254 
PRO CB  CG   sing N N 255 
PRO CB  HB2  sing N N 256 
PRO CB  HB3  sing N N 257 
PRO CG  CD   sing N N 258 
PRO CG  HG2  sing N N 259 
PRO CG  HG3  sing N N 260 
PRO CD  HD2  sing N N 261 
PRO CD  HD3  sing N N 262 
PRO OXT HXT  sing N N 263 
SER N   CA   sing N N 264 
SER N   H    sing N N 265 
SER N   H2   sing N N 266 
SER CA  C    sing N N 267 
SER CA  CB   sing N N 268 
SER CA  HA   sing N N 269 
SER C   O    doub N N 270 
SER C   OXT  sing N N 271 
SER CB  OG   sing N N 272 
SER CB  HB2  sing N N 273 
SER CB  HB3  sing N N 274 
SER OG  HG   sing N N 275 
SER OXT HXT  sing N N 276 
THR N   CA   sing N N 277 
THR N   H    sing N N 278 
THR N   H2   sing N N 279 
THR CA  C    sing N N 280 
THR CA  CB   sing N N 281 
THR CA  HA   sing N N 282 
THR C   O    doub N N 283 
THR C   OXT  sing N N 284 
THR CB  OG1  sing N N 285 
THR CB  CG2  sing N N 286 
THR CB  HB   sing N N 287 
THR OG1 HG1  sing N N 288 
THR CG2 HG21 sing N N 289 
THR CG2 HG22 sing N N 290 
THR CG2 HG23 sing N N 291 
THR OXT HXT  sing N N 292 
TRP N   CA   sing N N 293 
TRP N   H    sing N N 294 
TRP N   H2   sing N N 295 
TRP CA  C    sing N N 296 
TRP CA  CB   sing N N 297 
TRP CA  HA   sing N N 298 
TRP C   O    doub N N 299 
TRP C   OXT  sing N N 300 
TRP CB  CG   sing N N 301 
TRP CB  HB2  sing N N 302 
TRP CB  HB3  sing N N 303 
TRP CG  CD1  doub Y N 304 
TRP CG  CD2  sing Y N 305 
TRP CD1 NE1  sing Y N 306 
TRP CD1 HD1  sing N N 307 
TRP CD2 CE2  doub Y N 308 
TRP CD2 CE3  sing Y N 309 
TRP NE1 CE2  sing Y N 310 
TRP NE1 HE1  sing N N 311 
TRP CE2 CZ2  sing Y N 312 
TRP CE3 CZ3  doub Y N 313 
TRP CE3 HE3  sing N N 314 
TRP CZ2 CH2  doub Y N 315 
TRP CZ2 HZ2  sing N N 316 
TRP CZ3 CH2  sing Y N 317 
TRP CZ3 HZ3  sing N N 318 
TRP CH2 HH2  sing N N 319 
TRP OXT HXT  sing N N 320 
TYR N   CA   sing N N 321 
TYR N   H    sing N N 322 
TYR N   H2   sing N N 323 
TYR CA  C    sing N N 324 
TYR CA  CB   sing N N 325 
TYR CA  HA   sing N N 326 
TYR C   O    doub N N 327 
TYR C   OXT  sing N N 328 
TYR CB  CG   sing N N 329 
TYR CB  HB2  sing N N 330 
TYR CB  HB3  sing N N 331 
TYR CG  CD1  doub Y N 332 
TYR CG  CD2  sing Y N 333 
TYR CD1 CE1  sing Y N 334 
TYR CD1 HD1  sing N N 335 
TYR CD2 CE2  doub Y N 336 
TYR CD2 HD2  sing N N 337 
TYR CE1 CZ   doub Y N 338 
TYR CE1 HE1  sing N N 339 
TYR CE2 CZ   sing Y N 340 
TYR CE2 HE2  sing N N 341 
TYR CZ  OH   sing N N 342 
TYR OH  HH   sing N N 343 
TYR OXT HXT  sing N N 344 
VAL N   CA   sing N N 345 
VAL N   H    sing N N 346 
VAL N   H2   sing N N 347 
VAL CA  C    sing N N 348 
VAL CA  CB   sing N N 349 
VAL CA  HA   sing N N 350 
VAL C   O    doub N N 351 
VAL C   OXT  sing N N 352 
VAL CB  CG1  sing N N 353 
VAL CB  CG2  sing N N 354 
VAL CB  HB   sing N N 355 
VAL CG1 HG11 sing N N 356 
VAL CG1 HG12 sing N N 357 
VAL CG1 HG13 sing N N 358 
VAL CG2 HG21 sing N N 359 
VAL CG2 HG22 sing N N 360 
VAL CG2 HG23 sing N N 361 
VAL OXT HXT  sing N N 362 
# 
_pdbx_audit_support.funding_organization   'National Natural Science Foundation of China' 
_pdbx_audit_support.country                China 
_pdbx_audit_support.grant_number           31701537 
_pdbx_audit_support.ordinal                1 
# 
_pdbx_entity_nonpoly.entity_id   2 
_pdbx_entity_nonpoly.name        water 
_pdbx_entity_nonpoly.comp_id     HOH 
# 
_pdbx_initial_refinement_model.id               1 
_pdbx_initial_refinement_model.entity_id_list   ? 
_pdbx_initial_refinement_model.type             'experimental model' 
_pdbx_initial_refinement_model.source_name      PDB 
_pdbx_initial_refinement_model.accession_code   5H9X 
_pdbx_initial_refinement_model.details          ? 
# 
_pdbx_struct_assembly_auth_evidence.id                     1 
_pdbx_struct_assembly_auth_evidence.assembly_id            1 
_pdbx_struct_assembly_auth_evidence.experimental_support   'mass spectrometry' 
_pdbx_struct_assembly_auth_evidence.details                ? 
# 
